data_7XDI
#
_entry.id   7XDI
#
loop_
_entity.id
_entity.type
_entity.pdbx_description
1 polymer VP1
2 polymer C131
3 polymer B210
4 polymer VP4
#
loop_
_entity_poly.entity_id
_entity_poly.type
_entity_poly.pdbx_seq_one_letter_code
_entity_poly.pdbx_strand_id
1 'polypeptide(L)'
;MRWQIRKLRRAEGFNVGLLIGLFIFILVGIVLLPVITSEVSSLTSGTSPAVTGTNATLLNLVPLFYILILVIVPAVLAYK
MYRE
;
A,B,C
2 'polypeptide(L)'
;MGTKIIINVIFFDIILALLMMSFASIQPPSIANPPTVAQAQAQANITWNLTVGSINWEWLWPVFYFVDWLIWIVTTIFAV
VAFIFNVFTTSLSLLASVPIVGPFLLMFAVIINFVLIWEVVKLIRGYDNPG
;
D
3 'polypeptide(L)'
;MKWPLLLFTVLLIIGFTLIARAGTISLLSTPPVNPPAYSYFYIEFQFLPTNNTPQPYAIFVGPNPNNLTEVAEGYTLSNG
TGYARVPVINAQTEYVDIVWVNQNYTMFEIFPQIQNATTTVTLSANNNQGFSFSLPTWVSWVIGAVLMLIFMGVGWKFMG
PAGLAIFGIFGLFIAMFFGLLPSYLMYVILFIVAIVGARILTKQLGGGEE
;
E
4 'polypeptide(L)'
;MKRVFLLYIIGILLTLFLPLIQTQSAVSLPPLYVEDAVNAEIQQLWSKSPTGVYAFHEAPSVNNSFWPDDNAKFLESIAP
WWQSYSSYVNSTLQFLQQSDVNGLFIKRFEYPLNPLQSITIGNLSGYTNGFYDIVGNPLLNSMRIATYYNPTLAVTYLFG
NVVQYPNGILVNIEQGLENPITDGGFGGTGGQNPPWESLNSSSLVNDSIVSIVNNAKTYLNLTGPTFFGTPSEELQYNFP
IVNVLPHYLAFQNVNGILGQYNYQGKFIPFNVTLVLQSSSINRIYLEFIWENSTSGTYVLTDIPVYFTANGQWQQVVVTV
PASAWPKYWNLGALSAVPLLIGIGLDLPGSSPSQTGPTGVYVGDIATNYPTTFGPQFNVTNKGSYVVFNESWKSDSLGAT
FWIAYVLGQGNAIEVLASAPVNQSWIYVGYNGLATIGTGYTILETPSGILKNYQNSGNISWTYLGPNFGKWMLLSTNYAP
NWIGDFQMLFIFPMAGTSNPYMDTLNNAVYMGDPTEVRNTLYFGNYTTLPGYFQWVQIAYQNDGNTSGVFGFFLIPSVDY
LVNPSVIVNDMFPSSLTAYSPSSIPNYWWEAVWGENYYEGEIIYALALLGKYGNSQALQMAQQAWLSYYNQLKAYNGATY
TSSLARFIMATILLYNITGNTQYSNAYTQLANWLLQYQNQSKYAYVYIPMWYHKDVDVPSVNGFATYGYIINRTAQMDVG
TVISGTSIGLNFFEDIPLNTSYGIYLLTNGTGKLPFTYQNVLNVSGTFITYLYMNGGGTATTANITITVQIAYNGNVLQT
IGTAAVDNVPIQPGGISGSPPFYPVKIVVPVLTTVNAPPGSTLIIGWNIKAPQTVYVLIDSTNGPSNVTIPLSWPNPFYG
LFTIPKIYNPNPGVHNYPQPYFLDISAMAGQAMMALYAVTKNITYLLDAQLVMNAIHYGPVPMPTYGILGVPNPPVEPRL
WVYANYSTVDADYYTYKSELVSEFGDAIGNNTLASLAISRVWQRTSYTYPTSYIYYVARYGSGLQMNSETQPWGDVATQF
YVNTWSPSNLDLFWASLPNNNYITNQTWNGTALFIHLYAYQQSQVQLIFLTTTVNFNVLVNGNYTNYEANHQIMQIAPTL
EPGPNTIIIIPNPKNQVSQNTNISTTTTTSPLSNAISGLGITLTQNELMLLGFVIYFVIIMVTYGVSRNKTITVLSSIVA
VAIVYALALWPTYMAFILGAVGFFMLFYSISRREEE
;
F
#
# COMPACT_ATOMS: atom_id res chain seq x y z
N ASN A 15 33.83 -17.41 23.54
CA ASN A 15 34.09 -17.11 24.94
C ASN A 15 33.55 -15.75 25.33
N VAL A 16 33.23 -15.58 26.62
CA VAL A 16 32.70 -14.31 27.09
C VAL A 16 33.73 -13.20 26.99
N GLY A 17 34.99 -13.51 27.30
CA GLY A 17 36.03 -12.50 27.21
C GLY A 17 36.24 -12.00 25.79
N LEU A 18 36.21 -12.92 24.82
CA LEU A 18 36.35 -12.52 23.42
C LEU A 18 35.18 -11.62 23.00
N LEU A 19 33.96 -11.96 23.43
CA LEU A 19 32.81 -11.14 23.10
C LEU A 19 32.92 -9.75 23.72
N ILE A 20 33.38 -9.67 24.97
CA ILE A 20 33.53 -8.37 25.61
C ILE A 20 34.59 -7.54 24.91
N GLY A 21 35.72 -8.16 24.55
CA GLY A 21 36.75 -7.44 23.83
C GLY A 21 36.28 -6.95 22.47
N LEU A 22 35.54 -7.80 21.76
CA LEU A 22 34.99 -7.39 20.47
C LEU A 22 34.00 -6.24 20.63
N PHE A 23 33.18 -6.29 21.67
CA PHE A 23 32.22 -5.22 21.92
C PHE A 23 32.92 -3.90 22.18
N ILE A 24 33.94 -3.91 23.04
CA ILE A 24 34.65 -2.66 23.34
C ILE A 24 35.41 -2.17 22.12
N PHE A 25 35.95 -3.09 21.31
CA PHE A 25 36.67 -2.68 20.10
C PHE A 25 35.71 -2.02 19.10
N ILE A 26 34.52 -2.61 18.93
CA ILE A 26 33.54 -2.03 18.01
C ILE A 26 33.07 -0.67 18.52
N LEU A 27 32.87 -0.55 19.84
CA LEU A 27 32.48 0.74 20.40
C LEU A 27 33.56 1.80 20.18
N VAL A 28 34.83 1.42 20.36
CA VAL A 28 35.93 2.34 20.09
C VAL A 28 35.94 2.76 18.63
N GLY A 29 35.76 1.78 17.72
CA GLY A 29 35.71 2.11 16.31
C GLY A 29 34.60 3.09 15.98
N ILE A 30 33.41 2.87 16.55
CA ILE A 30 32.30 3.78 16.33
C ILE A 30 32.62 5.16 16.90
N VAL A 31 33.22 5.21 18.08
CA VAL A 31 33.47 6.48 18.76
C VAL A 31 34.45 7.34 17.97
N LEU A 32 35.56 6.76 17.51
CA LEU A 32 36.55 7.54 16.76
C LEU A 32 36.51 7.30 15.27
N LEU A 33 35.39 6.84 14.71
CA LEU A 33 35.16 7.02 13.28
C LEU A 33 35.02 8.49 12.87
N PRO A 34 34.22 9.32 13.57
CA PRO A 34 34.02 10.70 13.09
C PRO A 34 35.30 11.53 13.01
N VAL A 35 36.26 11.32 13.91
CA VAL A 35 37.51 12.08 13.82
C VAL A 35 38.29 11.68 12.57
N ILE A 36 38.29 10.39 12.25
CA ILE A 36 38.95 9.92 11.03
C ILE A 36 38.26 10.53 9.81
N THR A 37 36.92 10.55 9.79
CA THR A 37 36.22 11.14 8.66
C THR A 37 36.51 12.62 8.53
N SER A 38 36.56 13.33 9.66
CA SER A 38 36.87 14.76 9.62
C SER A 38 38.29 15.01 9.11
N GLU A 39 39.24 14.19 9.54
CA GLU A 39 40.62 14.34 9.05
C GLU A 39 40.69 14.07 7.56
N VAL A 40 39.99 13.05 7.08
CA VAL A 40 39.97 12.74 5.66
C VAL A 40 39.37 13.91 4.88
N SER A 41 38.28 14.48 5.39
CA SER A 41 37.67 15.63 4.73
C SER A 41 38.63 16.83 4.71
N SER A 42 39.35 17.06 5.82
CA SER A 42 40.30 18.15 5.86
C SER A 42 41.41 17.95 4.84
N LEU A 43 41.88 16.72 4.69
CA LEU A 43 42.92 16.45 3.70
C LEU A 43 42.40 16.60 2.27
N THR A 44 41.19 16.11 2.01
CA THR A 44 40.65 16.08 0.65
C THR A 44 39.68 17.22 0.37
N SER A 45 38.61 17.32 1.15
CA SER A 45 37.59 18.33 0.89
C SER A 45 38.14 19.73 1.19
N GLY A 46 37.68 20.69 0.40
CA GLY A 46 38.14 22.06 0.50
C GLY A 46 38.89 22.50 -0.74
N THR A 47 39.15 23.81 -0.79
CA THR A 47 39.84 24.39 -1.95
C THR A 47 41.27 23.87 -2.07
N SER A 48 41.96 23.70 -0.95
CA SER A 48 43.35 23.28 -0.98
C SER A 48 43.46 21.83 -1.45
N PRO A 49 44.15 21.57 -2.56
CA PRO A 49 44.32 20.19 -3.06
C PRO A 49 45.55 19.47 -2.48
N ALA A 50 45.41 19.02 -1.23
CA ALA A 50 46.51 18.31 -0.60
C ALA A 50 46.78 16.97 -1.27
N VAL A 51 45.78 16.40 -1.94
CA VAL A 51 45.91 15.10 -2.60
C VAL A 51 45.25 15.19 -3.97
N THR A 52 45.88 14.58 -4.96
CA THR A 52 45.36 14.59 -6.32
C THR A 52 44.14 13.68 -6.43
N GLY A 53 43.41 13.84 -7.53
CA GLY A 53 42.15 13.14 -7.78
C GLY A 53 42.08 11.68 -7.41
N THR A 54 42.99 10.86 -7.94
CA THR A 54 43.00 9.44 -7.61
C THR A 54 43.27 9.25 -6.11
N ASN A 55 44.27 9.96 -5.59
CA ASN A 55 44.56 9.88 -4.16
C ASN A 55 43.38 10.37 -3.34
N ALA A 56 42.76 11.48 -3.75
CA ALA A 56 41.63 12.03 -3.01
C ALA A 56 40.47 11.05 -2.96
N THR A 57 40.18 10.38 -4.09
CA THR A 57 39.17 9.34 -4.08
C THR A 57 39.56 8.21 -3.13
N LEU A 58 40.85 7.87 -3.10
CA LEU A 58 41.30 6.84 -2.16
C LEU A 58 41.02 7.24 -0.72
N LEU A 59 41.34 8.49 -0.35
CA LEU A 59 41.03 8.93 1.02
C LEU A 59 39.53 8.92 1.29
N ASN A 60 38.72 9.33 0.32
CA ASN A 60 37.28 9.21 0.52
C ASN A 60 36.84 7.76 0.68
N LEU A 61 37.60 6.81 0.13
CA LEU A 61 37.27 5.40 0.34
C LEU A 61 37.74 4.88 1.69
N VAL A 62 38.79 5.46 2.27
CA VAL A 62 39.33 4.93 3.54
C VAL A 62 38.28 4.78 4.64
N PRO A 63 37.36 5.73 4.88
CA PRO A 63 36.39 5.51 5.96
C PRO A 63 35.58 4.23 5.79
N LEU A 64 35.16 3.92 4.56
CA LEU A 64 34.43 2.67 4.36
C LEU A 64 35.34 1.46 4.53
N PHE A 65 36.61 1.55 4.11
CA PHE A 65 37.54 0.47 4.38
C PHE A 65 37.69 0.24 5.88
N TYR A 66 37.69 1.33 6.65
CA TYR A 66 37.76 1.24 8.10
C TYR A 66 36.53 0.54 8.66
N ILE A 67 35.35 0.89 8.15
CA ILE A 67 34.12 0.20 8.57
C ILE A 67 34.18 -1.28 8.21
N LEU A 68 34.69 -1.59 7.01
CA LEU A 68 34.83 -2.99 6.61
C LEU A 68 35.76 -3.74 7.55
N ILE A 69 36.86 -3.10 7.96
CA ILE A 69 37.77 -3.74 8.91
C ILE A 69 37.04 -4.00 10.22
N LEU A 70 36.30 -3.00 10.71
CA LEU A 70 35.56 -3.17 11.96
C LEU A 70 34.54 -4.28 11.88
N VAL A 71 33.99 -4.55 10.69
CA VAL A 71 32.99 -5.61 10.58
C VAL A 71 33.57 -6.95 10.15
N ILE A 72 34.83 -7.00 9.71
CA ILE A 72 35.39 -8.27 9.26
C ILE A 72 36.24 -8.87 10.37
N VAL A 73 36.91 -8.03 11.16
CA VAL A 73 37.81 -8.55 12.19
C VAL A 73 37.08 -9.43 13.20
N PRO A 74 35.94 -9.01 13.78
CA PRO A 74 35.18 -9.95 14.63
C PRO A 74 34.73 -11.18 13.86
N ALA A 75 34.41 -11.03 12.57
CA ALA A 75 33.97 -12.18 11.79
C ALA A 75 35.04 -13.24 11.68
N VAL A 76 36.24 -12.85 11.26
CA VAL A 76 37.34 -13.80 11.13
C VAL A 76 37.72 -14.33 12.51
N LEU A 77 37.66 -13.47 13.53
CA LEU A 77 37.95 -13.91 14.89
C LEU A 77 37.03 -15.05 15.31
N ALA A 78 35.72 -14.87 15.15
CA ALA A 78 34.77 -15.91 15.52
C ALA A 78 34.92 -17.14 14.65
N TYR A 79 35.13 -16.95 13.34
CA TYR A 79 35.25 -18.08 12.42
C TYR A 79 36.44 -18.95 12.78
N LYS A 80 37.56 -18.33 13.18
CA LYS A 80 38.71 -19.11 13.58
C LYS A 80 38.56 -19.68 15.00
N MET A 81 37.88 -18.95 15.89
CA MET A 81 37.78 -19.39 17.28
C MET A 81 36.87 -20.60 17.41
N TYR A 82 35.69 -20.56 16.78
CA TYR A 82 34.75 -21.68 16.94
C TYR A 82 35.34 -22.96 16.34
N ARG A 83 35.97 -22.86 15.17
CA ARG A 83 36.65 -23.98 14.53
C ARG A 83 35.75 -25.20 14.39
N ASN B 15 44.05 -5.11 26.93
CA ASN B 15 44.83 -4.97 25.69
C ASN B 15 44.52 -3.64 25.01
N VAL B 16 44.04 -2.67 25.79
CA VAL B 16 43.68 -1.37 25.23
C VAL B 16 44.91 -0.60 24.76
N GLY B 17 46.10 -0.94 25.27
CA GLY B 17 47.30 -0.29 24.79
C GLY B 17 47.53 -0.50 23.31
N LEU B 18 47.33 -1.73 22.84
CA LEU B 18 47.41 -1.99 21.40
C LEU B 18 46.29 -1.28 20.65
N LEU B 19 45.08 -1.21 21.21
CA LEU B 19 44.02 -0.43 20.57
C LEU B 19 44.48 0.98 20.28
N ILE B 20 45.03 1.65 21.31
CA ILE B 20 45.55 2.99 21.14
C ILE B 20 46.69 2.99 20.14
N GLY B 21 47.51 1.93 20.14
CA GLY B 21 48.63 1.87 19.21
C GLY B 21 48.19 1.88 17.76
N LEU B 22 47.25 1.01 17.41
CA LEU B 22 46.76 1.00 16.02
C LEU B 22 46.00 2.28 15.68
N PHE B 23 45.21 2.82 16.61
CA PHE B 23 44.49 4.05 16.30
C PHE B 23 45.44 5.21 16.04
N ILE B 24 46.48 5.34 16.88
CA ILE B 24 47.49 6.36 16.66
C ILE B 24 48.25 6.08 15.37
N PHE B 25 48.46 4.80 15.05
CA PHE B 25 49.11 4.44 13.79
C PHE B 25 48.33 4.99 12.61
N ILE B 26 47.02 4.74 12.56
CA ILE B 26 46.25 5.17 11.41
C ILE B 26 46.12 6.70 11.38
N LEU B 27 45.94 7.34 12.54
CA LEU B 27 45.85 8.80 12.56
C LEU B 27 47.15 9.44 12.09
N VAL B 28 48.29 8.93 12.57
CA VAL B 28 49.59 9.46 12.17
C VAL B 28 49.84 9.21 10.69
N GLY B 29 49.40 8.05 10.19
CA GLY B 29 49.57 7.79 8.77
C GLY B 29 48.81 8.79 7.91
N ILE B 30 47.55 9.05 8.26
CA ILE B 30 46.79 10.04 7.50
C ILE B 30 47.39 11.43 7.67
N VAL B 31 47.92 11.75 8.86
CA VAL B 31 48.52 13.06 9.10
C VAL B 31 49.76 13.25 8.23
N LEU B 32 50.60 12.23 8.14
CA LEU B 32 51.87 12.33 7.44
C LEU B 32 51.75 12.10 5.93
N LEU B 33 50.62 11.55 5.48
CA LEU B 33 50.40 11.33 4.05
C LEU B 33 50.60 12.59 3.20
N PRO B 34 50.19 13.80 3.63
CA PRO B 34 50.52 14.99 2.83
C PRO B 34 52.00 15.15 2.53
N VAL B 35 52.89 14.77 3.45
CA VAL B 35 54.32 14.86 3.17
C VAL B 35 54.69 13.94 2.02
N ILE B 36 54.15 12.72 2.01
CA ILE B 36 54.41 11.78 0.92
C ILE B 36 53.90 12.34 -0.40
N THR B 37 52.70 12.92 -0.39
CA THR B 37 52.16 13.52 -1.61
C THR B 37 53.03 14.67 -2.09
N SER B 38 53.51 15.50 -1.15
CA SER B 38 54.38 16.61 -1.53
C SER B 38 55.67 16.12 -2.17
N GLU B 39 56.29 15.10 -1.58
CA GLU B 39 57.52 14.57 -2.15
C GLU B 39 57.27 13.97 -3.53
N VAL B 40 56.19 13.21 -3.68
CA VAL B 40 55.88 12.57 -4.97
C VAL B 40 55.63 13.64 -6.03
N SER B 41 54.83 14.66 -5.68
CA SER B 41 54.54 15.73 -6.63
C SER B 41 55.80 16.48 -7.02
N SER B 42 56.65 16.80 -6.05
CA SER B 42 57.90 17.48 -6.37
C SER B 42 58.78 16.64 -7.28
N LEU B 43 58.77 15.32 -7.10
CA LEU B 43 59.59 14.46 -7.95
C LEU B 43 59.02 14.28 -9.34
N THR B 44 57.69 14.30 -9.50
CA THR B 44 57.07 13.92 -10.77
C THR B 44 56.37 15.07 -11.49
N SER B 45 56.48 16.30 -11.00
CA SER B 45 55.80 17.42 -11.64
C SER B 45 56.60 17.88 -12.87
N GLY B 46 56.24 19.04 -13.41
CA GLY B 46 56.94 19.55 -14.58
C GLY B 46 58.41 19.75 -14.32
N THR B 47 59.19 19.70 -15.40
CA THR B 47 60.66 19.66 -15.32
C THR B 47 61.10 18.52 -14.42
N SER B 48 60.52 17.35 -14.67
CA SER B 48 60.69 16.20 -13.78
C SER B 48 62.13 15.68 -13.82
N PRO B 49 62.80 15.55 -12.68
CA PRO B 49 64.11 14.90 -12.65
C PRO B 49 64.04 13.38 -12.50
N ALA B 50 62.86 12.84 -12.18
CA ALA B 50 62.68 11.41 -12.07
C ALA B 50 62.36 10.74 -13.40
N VAL B 51 62.25 11.52 -14.48
CA VAL B 51 62.00 11.05 -15.85
C VAL B 51 60.57 10.58 -15.97
N THR B 52 59.83 11.19 -16.90
CA THR B 52 58.44 10.81 -17.13
C THR B 52 58.37 9.45 -17.82
N GLY B 53 57.33 8.69 -17.48
CA GLY B 53 57.15 7.36 -18.03
C GLY B 53 56.75 6.34 -16.98
N THR B 54 57.42 5.18 -16.99
CA THR B 54 57.15 4.18 -15.97
C THR B 54 57.52 4.69 -14.58
N ASN B 55 58.53 5.54 -14.48
CA ASN B 55 58.92 6.11 -13.19
C ASN B 55 57.78 6.91 -12.59
N ALA B 56 57.10 7.73 -13.41
CA ALA B 56 55.98 8.51 -12.91
C ALA B 56 54.84 7.61 -12.45
N THR B 57 54.55 6.54 -13.21
CA THR B 57 53.50 5.62 -12.80
C THR B 57 53.82 4.95 -11.48
N LEU B 58 55.06 4.49 -11.30
CA LEU B 58 55.44 3.88 -10.04
C LEU B 58 55.39 4.89 -8.89
N LEU B 59 55.84 6.12 -9.14
CA LEU B 59 55.81 7.14 -8.11
C LEU B 59 54.39 7.46 -7.68
N ASN B 60 53.46 7.52 -8.64
CA ASN B 60 52.05 7.71 -8.29
C ASN B 60 51.48 6.48 -7.62
N LEU B 61 52.06 5.31 -7.88
CA LEU B 61 51.58 4.08 -7.24
C LEU B 61 52.02 4.00 -5.79
N VAL B 62 53.14 4.63 -5.42
CA VAL B 62 53.61 4.57 -4.03
C VAL B 62 52.55 5.02 -3.04
N PRO B 63 51.88 6.17 -3.20
CA PRO B 63 50.82 6.52 -2.24
C PRO B 63 49.67 5.54 -2.21
N LEU B 64 49.33 4.94 -3.36
CA LEU B 64 48.22 3.98 -3.39
C LEU B 64 48.53 2.75 -2.55
N PHE B 65 49.69 2.14 -2.78
CA PHE B 65 50.05 0.97 -1.99
C PHE B 65 50.36 1.33 -0.54
N TYR B 66 50.81 2.56 -0.30
CA TYR B 66 50.98 3.03 1.06
C TYR B 66 49.64 3.09 1.79
N ILE B 67 48.60 3.59 1.11
CA ILE B 67 47.25 3.58 1.69
C ILE B 67 46.76 2.16 1.90
N LEU B 68 47.04 1.27 0.93
CA LEU B 68 46.67 -0.13 1.10
C LEU B 68 47.30 -0.73 2.33
N ILE B 69 48.60 -0.47 2.55
CA ILE B 69 49.26 -0.96 3.75
C ILE B 69 48.65 -0.34 4.99
N LEU B 70 48.45 0.99 4.96
CA LEU B 70 47.91 1.71 6.11
C LEU B 70 46.52 1.23 6.49
N VAL B 71 45.77 0.65 5.55
CA VAL B 71 44.45 0.15 5.87
C VAL B 71 44.41 -1.37 6.10
N ILE B 72 45.41 -2.11 5.62
CA ILE B 72 45.42 -3.55 5.81
C ILE B 72 46.12 -3.94 7.10
N VAL B 73 47.24 -3.30 7.42
CA VAL B 73 48.02 -3.66 8.61
C VAL B 73 47.24 -3.46 9.91
N PRO B 74 46.34 -2.46 10.06
CA PRO B 74 45.54 -2.46 11.29
C PRO B 74 44.63 -3.67 11.40
N ALA B 75 44.06 -4.12 10.28
CA ALA B 75 43.21 -5.31 10.31
C ALA B 75 43.99 -6.53 10.78
N VAL B 76 45.18 -6.75 10.22
CA VAL B 76 45.96 -7.93 10.59
C VAL B 76 46.50 -7.80 12.00
N LEU B 77 46.87 -6.59 12.43
CA LEU B 77 47.32 -6.40 13.80
C LEU B 77 46.21 -6.69 14.80
N ALA B 78 44.99 -6.20 14.51
CA ALA B 78 43.86 -6.50 15.38
C ALA B 78 43.54 -7.99 15.38
N TYR B 79 43.66 -8.63 14.22
CA TYR B 79 43.43 -10.07 14.13
C TYR B 79 44.43 -10.84 14.99
N LYS B 80 45.69 -10.43 14.97
CA LYS B 80 46.72 -11.15 15.72
C LYS B 80 46.64 -10.88 17.22
N MET B 81 46.37 -9.63 17.61
CA MET B 81 46.46 -9.27 19.03
C MET B 81 45.36 -9.93 19.85
N TYR B 82 44.18 -10.11 19.27
CA TYR B 82 43.08 -10.76 19.98
C TYR B 82 43.16 -12.27 19.94
N ARG B 83 44.16 -12.83 19.26
CA ARG B 83 44.35 -14.27 19.18
C ARG B 83 44.91 -14.83 20.48
N ASN C 15 56.87 -2.94 19.17
CA ASN C 15 55.72 -3.08 18.29
C ASN C 15 55.48 -1.79 17.51
N VAL C 16 55.00 -0.77 18.21
CA VAL C 16 54.72 0.52 17.57
C VAL C 16 56.00 1.16 17.07
N GLY C 17 57.15 0.83 17.69
CA GLY C 17 58.40 1.40 17.24
C GLY C 17 58.73 1.02 15.81
N LEU C 18 58.57 -0.27 15.47
CA LEU C 18 58.77 -0.68 14.08
C LEU C 18 57.68 -0.12 13.19
N LEU C 19 56.48 0.11 13.71
CA LEU C 19 55.41 0.70 12.92
C LEU C 19 55.77 2.10 12.46
N ILE C 20 56.26 2.94 13.38
CA ILE C 20 56.67 4.28 12.99
C ILE C 20 57.97 4.24 12.18
N GLY C 21 58.83 3.25 12.46
CA GLY C 21 60.01 3.07 11.64
C GLY C 21 59.69 2.73 10.20
N LEU C 22 58.52 2.11 9.97
CA LEU C 22 58.07 1.87 8.60
C LEU C 22 57.87 3.19 7.85
N PHE C 23 57.20 4.16 8.49
CA PHE C 23 57.04 5.47 7.87
C PHE C 23 58.37 6.16 7.69
N ILE C 24 59.25 6.04 8.69
CA ILE C 24 60.58 6.65 8.59
C ILE C 24 61.34 6.08 7.40
N PHE C 25 61.27 4.75 7.22
CA PHE C 25 61.92 4.11 6.09
C PHE C 25 61.31 4.55 4.77
N ILE C 26 59.98 4.69 4.72
CA ILE C 26 59.33 5.15 3.48
C ILE C 26 59.82 6.55 3.12
N LEU C 27 59.89 7.43 4.11
CA LEU C 27 60.36 8.79 3.86
C LEU C 27 61.82 8.80 3.43
N VAL C 28 62.66 8.00 4.09
CA VAL C 28 64.07 7.98 3.72
C VAL C 28 64.25 7.41 2.32
N GLY C 29 63.42 6.43 1.94
CA GLY C 29 63.51 5.90 0.59
C GLY C 29 63.05 6.89 -0.47
N ILE C 30 61.97 7.63 -0.18
CA ILE C 30 61.47 8.57 -1.17
C ILE C 30 62.40 9.77 -1.29
N VAL C 31 63.17 10.08 -0.23
CA VAL C 31 64.18 11.14 -0.35
C VAL C 31 65.53 10.62 -0.83
N LEU C 32 65.74 9.30 -0.84
CA LEU C 32 66.95 8.72 -1.39
C LEU C 32 66.83 8.34 -2.86
N LEU C 33 65.60 8.15 -3.36
CA LEU C 33 65.43 7.90 -4.79
C LEU C 33 65.89 9.05 -5.70
N PRO C 34 65.69 10.34 -5.38
CA PRO C 34 66.05 11.39 -6.35
C PRO C 34 67.52 11.44 -6.71
N VAL C 35 68.43 10.96 -5.86
CA VAL C 35 69.85 10.96 -6.18
C VAL C 35 70.25 9.75 -7.01
N ILE C 36 69.69 8.57 -6.71
CA ILE C 36 70.02 7.39 -7.51
C ILE C 36 69.42 7.52 -8.91
N THR C 37 68.22 8.08 -9.03
CA THR C 37 67.66 8.28 -10.37
C THR C 37 68.46 9.32 -11.15
N SER C 38 68.95 10.35 -10.47
CA SER C 38 69.83 11.32 -11.14
C SER C 38 71.11 10.66 -11.61
N GLU C 39 71.69 9.80 -10.77
CA GLU C 39 72.92 9.10 -11.14
C GLU C 39 72.72 8.22 -12.36
N VAL C 40 71.63 7.45 -12.37
CA VAL C 40 71.40 6.55 -13.50
C VAL C 40 71.08 7.33 -14.76
N SER C 41 70.32 8.43 -14.63
CA SER C 41 70.04 9.26 -15.80
C SER C 41 71.33 9.86 -16.36
N SER C 42 72.22 10.34 -15.49
CA SER C 42 73.49 10.87 -15.95
C SER C 42 74.33 9.79 -16.63
N LEU C 43 74.30 8.56 -16.09
CA LEU C 43 75.07 7.48 -16.68
C LEU C 43 74.49 7.04 -18.02
N THR C 44 73.18 7.22 -18.23
CA THR C 44 72.52 6.74 -19.43
C THR C 44 72.23 7.82 -20.46
N SER C 45 72.30 9.10 -20.09
CA SER C 45 71.98 10.17 -21.02
C SER C 45 73.23 10.61 -21.78
N GLY C 46 73.02 11.50 -22.74
CA GLY C 46 74.09 11.99 -23.58
C GLY C 46 74.00 11.45 -24.99
N THR C 47 74.67 12.14 -25.92
CA THR C 47 74.66 11.73 -27.31
C THR C 47 75.40 10.41 -27.50
N SER C 48 76.51 10.21 -26.80
CA SER C 48 77.30 8.98 -26.87
C SER C 48 77.66 8.52 -25.47
N PRO C 49 76.70 8.03 -24.71
CA PRO C 49 77.00 7.51 -23.36
C PRO C 49 77.64 6.13 -23.43
N ALA C 50 78.37 5.79 -22.37
CA ALA C 50 79.02 4.50 -22.27
C ALA C 50 78.13 3.47 -21.59
N VAL C 51 76.89 3.34 -22.08
CA VAL C 51 75.92 2.43 -21.49
C VAL C 51 75.26 1.60 -22.58
N THR C 52 75.54 1.94 -23.84
CA THR C 52 74.96 1.28 -25.01
C THR C 52 73.45 1.27 -24.94
N GLY C 53 72.82 0.17 -25.36
CA GLY C 53 71.37 0.11 -25.39
C GLY C 53 70.74 -0.93 -24.48
N THR C 54 71.40 -2.07 -24.30
CA THR C 54 70.88 -3.12 -23.43
C THR C 54 71.24 -2.86 -21.97
N ASN C 55 72.51 -2.56 -21.71
CA ASN C 55 72.89 -2.10 -20.38
C ASN C 55 72.14 -0.84 -20.01
N ALA C 56 71.78 -0.02 -20.99
CA ALA C 56 70.94 1.14 -20.73
C ALA C 56 69.58 0.72 -20.19
N THR C 57 68.97 -0.29 -20.81
CA THR C 57 67.67 -0.77 -20.34
C THR C 57 67.78 -1.36 -18.94
N LEU C 58 68.84 -2.14 -18.68
CA LEU C 58 69.02 -2.70 -17.34
C LEU C 58 69.22 -1.60 -16.30
N LEU C 59 70.04 -0.60 -16.63
CA LEU C 59 70.29 0.51 -15.70
C LEU C 59 69.00 1.29 -15.43
N ASN C 60 68.20 1.51 -16.47
CA ASN C 60 66.91 2.18 -16.28
C ASN C 60 65.96 1.33 -15.45
N LEU C 61 66.05 0.00 -15.57
CA LEU C 61 65.20 -0.88 -14.77
C LEU C 61 65.64 -0.92 -13.31
N VAL C 62 66.92 -0.61 -13.05
CA VAL C 62 67.42 -0.65 -11.65
C VAL C 62 66.61 0.23 -10.71
N PRO C 63 66.33 1.50 -11.02
CA PRO C 63 65.42 2.27 -10.15
C PRO C 63 64.04 1.67 -10.05
N LEU C 64 63.54 1.03 -11.11
CA LEU C 64 62.23 0.40 -11.05
C LEU C 64 62.23 -0.74 -10.03
N PHE C 65 63.26 -1.56 -10.01
CA PHE C 65 63.36 -2.60 -8.98
C PHE C 65 63.57 -1.98 -7.60
N TYR C 66 64.27 -0.86 -7.52
CA TYR C 66 64.45 -0.19 -6.23
C TYR C 66 63.11 0.27 -5.66
N ILE C 67 62.28 0.90 -6.49
CA ILE C 67 60.98 1.38 -5.99
C ILE C 67 60.04 0.21 -5.74
N LEU C 68 60.16 -0.87 -6.53
CA LEU C 68 59.39 -2.07 -6.26
C LEU C 68 59.74 -2.64 -4.90
N ILE C 69 61.02 -2.68 -4.55
CA ILE C 69 61.43 -3.12 -3.21
C ILE C 69 60.91 -2.17 -2.16
N LEU C 70 60.99 -0.86 -2.41
CA LEU C 70 60.49 0.14 -1.48
C LEU C 70 59.00 -0.05 -1.20
N VAL C 71 58.25 -0.51 -2.19
CA VAL C 71 56.82 -0.73 -2.02
C VAL C 71 56.56 -2.07 -1.33
N ILE C 72 57.31 -3.11 -1.71
CA ILE C 72 57.06 -4.45 -1.19
C ILE C 72 57.44 -4.54 0.29
N VAL C 73 58.51 -3.87 0.69
CA VAL C 73 59.02 -4.01 2.06
C VAL C 73 57.96 -3.73 3.11
N PRO C 74 57.11 -2.70 2.99
CA PRO C 74 56.03 -2.54 3.99
C PRO C 74 55.14 -3.76 4.15
N ALA C 75 54.82 -4.46 3.05
CA ALA C 75 54.00 -5.66 3.17
C ALA C 75 54.74 -6.76 3.92
N VAL C 76 56.03 -6.92 3.65
CA VAL C 76 56.83 -7.93 4.35
C VAL C 76 56.89 -7.60 5.83
N LEU C 77 57.09 -6.33 6.18
CA LEU C 77 57.13 -5.94 7.58
C LEU C 77 55.78 -6.16 8.25
N ALA C 78 54.68 -5.85 7.55
CA ALA C 78 53.35 -6.05 8.11
C ALA C 78 53.08 -7.52 8.38
N TYR C 79 53.47 -8.40 7.45
CA TYR C 79 53.23 -9.82 7.66
C TYR C 79 54.18 -10.41 8.68
N LYS C 80 55.39 -9.85 8.81
CA LYS C 80 56.28 -10.24 9.90
C LYS C 80 55.69 -9.88 11.25
N MET C 81 55.12 -8.68 11.36
CA MET C 81 54.41 -8.30 12.58
C MET C 81 53.20 -9.19 12.81
N TYR C 82 52.55 -9.65 11.74
CA TYR C 82 51.43 -10.57 11.88
C TYR C 82 51.87 -11.89 12.50
N ARG C 83 53.02 -12.41 12.07
CA ARG C 83 53.52 -13.67 12.59
C ARG C 83 54.76 -13.45 13.47
N GLY D 2 -2.83 -40.26 -13.75
CA GLY D 2 -2.28 -40.81 -12.51
C GLY D 2 -3.07 -40.42 -11.29
N THR D 3 -3.71 -41.43 -10.67
CA THR D 3 -4.50 -41.17 -9.48
C THR D 3 -3.64 -40.76 -8.30
N LYS D 4 -2.38 -41.20 -8.26
CA LYS D 4 -1.50 -40.84 -7.16
C LYS D 4 -1.25 -39.34 -7.11
N ILE D 5 -1.03 -38.73 -8.28
CA ILE D 5 -0.82 -37.28 -8.33
C ILE D 5 -2.09 -36.54 -7.90
N ILE D 6 -3.25 -37.04 -8.33
CA ILE D 6 -4.52 -36.43 -7.95
C ILE D 6 -4.67 -36.45 -6.43
N ILE D 7 -4.40 -37.61 -5.83
CA ILE D 7 -4.54 -37.76 -4.38
C ILE D 7 -3.53 -36.87 -3.67
N ASN D 8 -2.31 -36.77 -4.19
CA ASN D 8 -1.31 -35.93 -3.56
C ASN D 8 -1.74 -34.46 -3.58
N VAL D 9 -2.27 -34.00 -4.72
CA VAL D 9 -2.72 -32.61 -4.82
C VAL D 9 -3.86 -32.36 -3.85
N ILE D 10 -4.83 -33.28 -3.78
CA ILE D 10 -5.96 -33.09 -2.88
C ILE D 10 -5.50 -33.12 -1.43
N PHE D 11 -4.54 -33.99 -1.10
CA PHE D 11 -4.02 -34.07 0.26
C PHE D 11 -3.30 -32.77 0.64
N PHE D 12 -2.50 -32.23 -0.28
CA PHE D 12 -1.86 -30.94 -0.01
C PHE D 12 -2.90 -29.86 0.20
N ASP D 13 -3.94 -29.85 -0.63
CA ASP D 13 -5.02 -28.88 -0.50
C ASP D 13 -5.66 -28.95 0.88
N ILE D 14 -6.03 -30.17 1.30
CA ILE D 14 -6.75 -30.34 2.56
C ILE D 14 -5.83 -30.03 3.74
N ILE D 15 -4.56 -30.43 3.66
CA ILE D 15 -3.62 -30.18 4.75
C ILE D 15 -3.42 -28.68 4.92
N LEU D 16 -3.23 -27.96 3.81
CA LEU D 16 -3.05 -26.51 3.89
C LEU D 16 -4.32 -25.85 4.42
N ALA D 17 -5.49 -26.31 3.99
CA ALA D 17 -6.74 -25.74 4.48
C ALA D 17 -6.89 -25.96 5.98
N LEU D 18 -6.53 -27.15 6.46
CA LEU D 18 -6.60 -27.43 7.89
C LEU D 18 -5.61 -26.58 8.67
N LEU D 19 -4.42 -26.35 8.09
CA LEU D 19 -3.40 -25.57 8.79
C LEU D 19 -3.80 -24.11 8.93
N MET D 20 -4.67 -23.61 8.05
CA MET D 20 -5.23 -22.28 8.20
C MET D 20 -6.43 -22.24 9.14
N MET D 21 -6.62 -23.29 9.94
CA MET D 21 -7.72 -23.38 10.89
C MET D 21 -9.08 -23.20 10.21
N SER D 22 -9.22 -23.83 9.04
CA SER D 22 -10.47 -23.86 8.29
C SER D 22 -10.71 -25.31 7.88
N PHE D 23 -11.41 -26.06 8.74
CA PHE D 23 -11.62 -27.49 8.52
C PHE D 23 -12.77 -27.66 7.54
N ALA D 24 -12.44 -27.95 6.28
CA ALA D 24 -13.43 -28.18 5.24
C ALA D 24 -12.97 -29.32 4.35
N SER D 25 -13.74 -30.40 4.34
CA SER D 25 -13.42 -31.59 3.55
C SER D 25 -14.18 -31.54 2.23
N ILE D 26 -13.60 -32.19 1.21
CA ILE D 26 -14.24 -32.22 -0.09
C ILE D 26 -15.47 -33.12 -0.04
N GLN D 27 -16.53 -32.69 -0.70
CA GLN D 27 -17.74 -33.48 -0.75
C GLN D 27 -17.66 -34.51 -1.88
N PRO D 28 -18.32 -35.65 -1.75
CA PRO D 28 -18.25 -36.68 -2.79
C PRO D 28 -18.82 -36.17 -4.11
N PRO D 29 -18.23 -36.54 -5.23
CA PRO D 29 -18.75 -36.09 -6.52
C PRO D 29 -20.09 -36.73 -6.83
N SER D 30 -20.89 -36.00 -7.61
CA SER D 30 -22.18 -36.52 -8.03
C SER D 30 -22.01 -37.43 -9.25
N ILE D 31 -23.05 -38.21 -9.53
CA ILE D 31 -23.07 -39.13 -10.65
C ILE D 31 -24.38 -38.92 -11.41
N ALA D 32 -24.28 -38.79 -12.73
CA ALA D 32 -25.46 -38.54 -13.54
C ALA D 32 -26.43 -39.72 -13.48
N ASN D 33 -27.71 -39.42 -13.63
CA ASN D 33 -28.74 -40.44 -13.49
C ASN D 33 -28.64 -41.45 -14.63
N PRO D 34 -28.67 -42.76 -14.34
CA PRO D 34 -28.64 -43.75 -15.41
C PRO D 34 -29.94 -43.74 -16.18
N PRO D 35 -29.91 -44.14 -17.46
CA PRO D 35 -31.14 -44.15 -18.25
C PRO D 35 -31.91 -45.46 -18.10
N THR D 36 -33.18 -45.37 -17.72
CA THR D 36 -34.01 -46.57 -17.57
C THR D 36 -34.39 -47.13 -18.93
N VAL D 37 -34.77 -48.41 -18.94
CA VAL D 37 -35.18 -49.07 -20.17
C VAL D 37 -36.46 -48.45 -20.71
N ALA D 38 -37.42 -48.13 -19.83
CA ALA D 38 -38.67 -47.54 -20.27
C ALA D 38 -38.45 -46.19 -20.93
N GLN D 39 -37.47 -45.43 -20.45
CA GLN D 39 -37.16 -44.15 -21.09
C GLN D 39 -36.69 -44.35 -22.53
N ALA D 40 -35.84 -45.34 -22.75
CA ALA D 40 -35.39 -45.65 -24.11
C ALA D 40 -36.55 -46.14 -24.97
N GLN D 41 -37.44 -46.95 -24.40
CA GLN D 41 -38.60 -47.42 -25.16
C GLN D 41 -39.49 -46.25 -25.57
N ALA D 42 -39.73 -45.30 -24.66
CA ALA D 42 -40.53 -44.14 -24.99
C ALA D 42 -39.82 -43.24 -26.00
N GLN D 43 -38.49 -43.18 -25.95
CA GLN D 43 -37.75 -42.37 -26.92
C GLN D 43 -37.95 -42.89 -28.34
N ALA D 44 -37.82 -44.19 -28.54
CA ALA D 44 -37.96 -44.80 -29.86
C ALA D 44 -39.37 -45.31 -30.10
N ASN D 45 -40.37 -44.45 -29.89
CA ASN D 45 -41.76 -44.80 -30.13
C ASN D 45 -42.37 -43.92 -31.21
N ILE D 46 -41.54 -43.29 -32.04
CA ILE D 46 -42.01 -42.41 -33.10
C ILE D 46 -42.44 -43.29 -34.27
N THR D 47 -43.74 -43.35 -34.50
CA THR D 47 -44.31 -44.08 -35.62
C THR D 47 -44.85 -43.09 -36.64
N TRP D 48 -44.56 -43.32 -37.92
CA TRP D 48 -45.05 -42.42 -38.95
C TRP D 48 -45.75 -43.21 -40.06
N ASN D 49 -46.68 -42.51 -40.72
CA ASN D 49 -47.65 -43.09 -41.63
C ASN D 49 -47.48 -42.44 -43.00
N LEU D 50 -46.62 -43.02 -43.83
CA LEU D 50 -46.53 -42.54 -45.20
C LEU D 50 -47.67 -43.13 -46.02
N THR D 51 -47.85 -42.60 -47.23
CA THR D 51 -48.85 -43.16 -48.14
C THR D 51 -48.55 -44.62 -48.48
N VAL D 52 -47.30 -45.05 -48.34
CA VAL D 52 -46.96 -46.44 -48.60
C VAL D 52 -47.28 -47.34 -47.41
N GLY D 53 -47.53 -46.78 -46.24
CA GLY D 53 -47.90 -47.58 -45.09
C GLY D 53 -47.38 -46.96 -43.81
N SER D 54 -47.60 -47.68 -42.72
CA SER D 54 -47.20 -47.25 -41.39
C SER D 54 -45.96 -48.02 -40.95
N ILE D 55 -45.03 -47.33 -40.29
CA ILE D 55 -43.87 -47.99 -39.72
C ILE D 55 -43.40 -47.23 -38.49
N ASN D 56 -42.90 -47.98 -37.51
CA ASN D 56 -42.44 -47.43 -36.23
C ASN D 56 -41.02 -47.88 -35.97
N TRP D 57 -40.25 -47.04 -35.30
CA TRP D 57 -38.88 -47.40 -34.91
C TRP D 57 -38.85 -47.97 -33.48
N GLU D 58 -39.69 -48.97 -33.22
CA GLU D 58 -39.67 -49.65 -31.94
C GLU D 58 -38.50 -50.62 -31.83
N TRP D 59 -38.12 -51.27 -32.92
CA TRP D 59 -37.02 -52.22 -32.90
C TRP D 59 -35.66 -51.54 -32.72
N LEU D 60 -35.59 -50.21 -32.84
CA LEU D 60 -34.37 -49.47 -32.58
C LEU D 60 -34.19 -49.12 -31.11
N TRP D 61 -34.89 -49.83 -30.22
CA TRP D 61 -34.74 -49.57 -28.78
C TRP D 61 -33.32 -49.81 -28.27
N PRO D 62 -32.64 -50.92 -28.59
CA PRO D 62 -31.29 -51.11 -28.03
C PRO D 62 -30.30 -50.03 -28.46
N VAL D 63 -30.42 -49.53 -29.69
CA VAL D 63 -29.48 -48.50 -30.16
C VAL D 63 -29.63 -47.23 -29.35
N PHE D 64 -30.87 -46.80 -29.12
CA PHE D 64 -31.08 -45.58 -28.33
C PHE D 64 -30.76 -45.82 -26.86
N TYR D 65 -30.93 -47.04 -26.36
CA TYR D 65 -30.48 -47.34 -25.01
C TYR D 65 -28.97 -47.19 -24.89
N PHE D 66 -28.23 -47.69 -25.88
CA PHE D 66 -26.78 -47.53 -25.88
C PHE D 66 -26.37 -46.07 -25.99
N VAL D 67 -27.06 -45.30 -26.83
CA VAL D 67 -26.77 -43.89 -26.96
C VAL D 67 -27.05 -43.17 -25.64
N ASP D 68 -28.11 -43.57 -24.94
CA ASP D 68 -28.40 -42.99 -23.63
C ASP D 68 -27.31 -43.33 -22.63
N TRP D 69 -26.77 -44.54 -22.68
CA TRP D 69 -25.65 -44.87 -21.81
C TRP D 69 -24.44 -44.01 -22.13
N LEU D 70 -24.18 -43.77 -23.41
CA LEU D 70 -23.05 -42.93 -23.80
C LEU D 70 -23.23 -41.50 -23.30
N ILE D 71 -24.42 -40.94 -23.45
CA ILE D 71 -24.64 -39.58 -22.98
C ILE D 71 -24.58 -39.53 -21.46
N TRP D 72 -24.94 -40.63 -20.78
CA TRP D 72 -24.74 -40.72 -19.33
C TRP D 72 -23.26 -40.66 -18.98
N ILE D 73 -22.43 -41.38 -19.75
CA ILE D 73 -20.99 -41.35 -19.51
C ILE D 73 -20.47 -39.93 -19.64
N VAL D 74 -20.88 -39.24 -20.71
CA VAL D 74 -20.41 -37.87 -20.94
C VAL D 74 -20.89 -36.95 -19.82
N THR D 75 -22.14 -37.09 -19.40
CA THR D 75 -22.69 -36.24 -18.35
C THR D 75 -21.98 -36.46 -17.02
N THR D 76 -21.65 -37.72 -16.70
CA THR D 76 -20.91 -38.01 -15.49
C THR D 76 -19.51 -37.39 -15.55
N ILE D 77 -18.86 -37.47 -16.72
CA ILE D 77 -17.57 -36.82 -16.88
C ILE D 77 -17.69 -35.32 -16.63
N PHE D 78 -18.74 -34.71 -17.17
CA PHE D 78 -18.93 -33.27 -16.97
C PHE D 78 -19.18 -32.94 -15.50
N ALA D 79 -19.94 -33.78 -14.80
CA ALA D 79 -20.20 -33.53 -13.38
C ALA D 79 -18.91 -33.64 -12.57
N VAL D 80 -18.08 -34.63 -12.86
CA VAL D 80 -16.78 -34.73 -12.20
C VAL D 80 -15.93 -33.50 -12.49
N VAL D 81 -15.99 -33.02 -13.74
CA VAL D 81 -15.27 -31.81 -14.12
C VAL D 81 -15.74 -30.63 -13.26
N ALA D 82 -17.05 -30.49 -13.10
CA ALA D 82 -17.58 -29.39 -12.30
C ALA D 82 -17.12 -29.49 -10.85
N PHE D 83 -17.13 -30.71 -10.29
CA PHE D 83 -16.70 -30.88 -8.91
C PHE D 83 -15.23 -30.50 -8.74
N ILE D 84 -14.37 -30.93 -9.66
CA ILE D 84 -12.95 -30.61 -9.52
C ILE D 84 -12.70 -29.13 -9.76
N PHE D 85 -13.47 -28.51 -10.65
CA PHE D 85 -13.39 -27.06 -10.80
C PHE D 85 -13.76 -26.35 -9.50
N ASN D 86 -14.77 -26.85 -8.80
CA ASN D 86 -15.12 -26.29 -7.50
C ASN D 86 -13.98 -26.45 -6.50
N VAL D 87 -13.31 -27.61 -6.51
CA VAL D 87 -12.17 -27.81 -5.63
C VAL D 87 -11.08 -26.79 -5.94
N PHE D 88 -10.78 -26.59 -7.22
CA PHE D 88 -9.83 -25.58 -7.68
C PHE D 88 -10.19 -24.21 -7.11
N THR D 89 -11.44 -23.80 -7.29
CA THR D 89 -11.87 -22.48 -6.87
C THR D 89 -11.76 -22.30 -5.37
N THR D 90 -12.21 -23.30 -4.60
CA THR D 90 -12.16 -23.19 -3.14
C THR D 90 -10.72 -23.14 -2.64
N SER D 91 -9.85 -23.97 -3.22
CA SER D 91 -8.45 -23.98 -2.79
C SER D 91 -7.81 -22.61 -2.96
N LEU D 92 -7.92 -22.02 -4.16
CA LEU D 92 -7.26 -20.74 -4.32
C LEU D 92 -8.04 -19.58 -3.69
N SER D 93 -9.33 -19.74 -3.43
CA SER D 93 -10.04 -18.76 -2.63
C SER D 93 -9.47 -18.71 -1.21
N LEU D 94 -9.19 -19.88 -0.63
CA LEU D 94 -8.52 -19.90 0.66
C LEU D 94 -7.10 -19.34 0.55
N LEU D 95 -6.41 -19.63 -0.55
CA LEU D 95 -5.02 -19.21 -0.70
C LEU D 95 -4.85 -17.71 -0.91
N ALA D 96 -5.85 -17.02 -1.46
CA ALA D 96 -5.64 -15.65 -1.91
C ALA D 96 -5.69 -14.61 -0.79
N SER D 97 -5.98 -15.01 0.45
CA SER D 97 -6.18 -14.03 1.51
C SER D 97 -4.90 -13.57 2.18
N VAL D 98 -3.76 -14.19 1.90
CA VAL D 98 -2.51 -13.80 2.56
C VAL D 98 -2.09 -12.42 2.08
N PRO D 99 -1.72 -11.51 2.98
CA PRO D 99 -1.53 -10.10 2.60
C PRO D 99 -0.46 -9.83 1.55
N ILE D 100 0.80 -10.20 1.82
CA ILE D 100 1.93 -9.76 1.03
C ILE D 100 2.51 -10.89 0.19
N VAL D 101 2.61 -12.09 0.74
CA VAL D 101 3.20 -13.21 0.02
C VAL D 101 2.14 -13.87 -0.85
N GLY D 102 1.01 -13.18 -1.00
CA GLY D 102 -0.10 -13.65 -1.81
C GLY D 102 0.27 -14.12 -3.20
N PRO D 103 0.82 -13.23 -4.03
CA PRO D 103 1.09 -13.59 -5.43
C PRO D 103 1.99 -14.82 -5.61
N PHE D 104 3.05 -14.97 -4.81
CA PHE D 104 4.00 -16.05 -5.05
C PHE D 104 3.44 -17.40 -4.61
N LEU D 105 2.90 -17.46 -3.40
CA LEU D 105 2.23 -18.68 -2.96
C LEU D 105 1.09 -19.02 -3.91
N LEU D 106 0.42 -18.01 -4.44
CA LEU D 106 -0.64 -18.24 -5.41
C LEU D 106 -0.09 -18.85 -6.69
N MET D 107 1.05 -18.36 -7.17
CA MET D 107 1.66 -18.92 -8.36
C MET D 107 1.96 -20.40 -8.17
N PHE D 108 2.56 -20.75 -7.03
CA PHE D 108 2.92 -22.15 -6.81
C PHE D 108 1.68 -23.02 -6.65
N ALA D 109 0.71 -22.55 -5.87
CA ALA D 109 -0.52 -23.32 -5.66
C ALA D 109 -1.29 -23.49 -6.96
N VAL D 110 -1.33 -22.46 -7.81
CA VAL D 110 -2.04 -22.58 -9.08
C VAL D 110 -1.26 -23.42 -10.07
N ILE D 111 0.07 -23.52 -9.94
CA ILE D 111 0.79 -24.49 -10.75
C ILE D 111 0.38 -25.92 -10.36
N ILE D 112 0.32 -26.19 -9.05
CA ILE D 112 -0.09 -27.52 -8.60
C ILE D 112 -1.52 -27.82 -9.05
N ASN D 113 -2.42 -26.87 -8.86
CA ASN D 113 -3.80 -27.12 -9.27
C ASN D 113 -3.98 -27.06 -10.77
N PHE D 114 -3.01 -26.52 -11.51
CA PHE D 114 -3.03 -26.67 -12.97
C PHE D 114 -2.59 -28.05 -13.38
N VAL D 115 -1.68 -28.67 -12.62
CA VAL D 115 -1.45 -30.11 -12.81
C VAL D 115 -2.75 -30.87 -12.58
N LEU D 116 -3.48 -30.50 -11.54
CA LEU D 116 -4.80 -31.09 -11.29
C LEU D 116 -5.74 -30.89 -12.48
N ILE D 117 -5.80 -29.66 -13.00
CA ILE D 117 -6.74 -29.35 -14.07
C ILE D 117 -6.33 -30.03 -15.37
N TRP D 118 -5.03 -30.22 -15.59
CA TRP D 118 -4.60 -30.95 -16.77
C TRP D 118 -4.92 -32.43 -16.65
N GLU D 119 -4.87 -32.99 -15.44
CA GLU D 119 -5.37 -34.34 -15.24
C GLU D 119 -6.86 -34.41 -15.58
N VAL D 120 -7.62 -33.39 -15.17
CA VAL D 120 -9.04 -33.33 -15.52
C VAL D 120 -9.24 -33.30 -17.03
N VAL D 121 -8.45 -32.46 -17.71
CA VAL D 121 -8.59 -32.32 -19.17
C VAL D 121 -8.27 -33.64 -19.85
N LYS D 122 -7.21 -34.32 -19.40
CA LYS D 122 -6.91 -35.65 -19.94
C LYS D 122 -8.07 -36.61 -19.68
N LEU D 123 -8.72 -36.50 -18.52
CA LEU D 123 -9.89 -37.31 -18.25
C LEU D 123 -11.01 -37.03 -19.24
N ILE D 124 -11.16 -35.76 -19.64
CA ILE D 124 -12.23 -35.39 -20.57
C ILE D 124 -12.06 -36.13 -21.89
N ARG D 125 -10.85 -36.15 -22.42
CA ARG D 125 -10.57 -36.81 -23.69
C ARG D 125 -10.56 -38.32 -23.53
N GLY E 23 -19.08 -11.05 -23.28
CA GLY E 23 -20.15 -10.80 -22.33
C GLY E 23 -19.86 -9.68 -21.37
N THR E 24 -20.70 -9.54 -20.34
CA THR E 24 -20.54 -8.51 -19.33
C THR E 24 -20.40 -9.16 -17.96
N ILE E 25 -19.69 -8.50 -17.05
CA ILE E 25 -19.51 -8.97 -15.70
C ILE E 25 -20.01 -7.90 -14.74
N SER E 26 -20.60 -8.32 -13.62
CA SER E 26 -21.21 -7.41 -12.68
C SER E 26 -20.91 -7.85 -11.27
N LEU E 27 -21.15 -6.96 -10.31
CA LEU E 27 -20.91 -7.23 -8.90
C LEU E 27 -22.24 -7.36 -8.18
N LEU E 28 -22.49 -8.53 -7.61
CA LEU E 28 -23.72 -8.75 -6.86
C LEU E 28 -23.63 -8.25 -5.42
N SER E 29 -22.43 -7.99 -4.93
CA SER E 29 -22.23 -7.46 -3.58
C SER E 29 -21.33 -6.23 -3.65
N THR E 30 -21.68 -5.21 -2.90
CA THR E 30 -20.91 -3.98 -2.91
C THR E 30 -19.61 -4.17 -2.14
N PRO E 31 -18.46 -3.85 -2.73
CA PRO E 31 -17.19 -4.00 -2.02
C PRO E 31 -17.03 -2.91 -0.98
N PRO E 32 -16.63 -3.27 0.24
CA PRO E 32 -16.55 -2.27 1.31
C PRO E 32 -15.42 -1.27 1.11
N VAL E 33 -15.79 -0.01 0.86
CA VAL E 33 -14.78 1.05 0.80
C VAL E 33 -14.25 1.32 2.19
N ASN E 34 -12.99 1.77 2.26
CA ASN E 34 -12.28 2.04 3.50
C ASN E 34 -12.25 0.82 4.41
N PRO E 35 -11.62 -0.28 4.02
CA PRO E 35 -11.46 -1.41 4.92
C PRO E 35 -10.18 -1.27 5.73
N PRO E 36 -9.97 -2.12 6.73
CA PRO E 36 -8.72 -2.07 7.49
C PRO E 36 -7.51 -2.35 6.60
N ALA E 37 -6.32 -2.21 7.19
CA ALA E 37 -5.10 -2.15 6.40
C ALA E 37 -4.79 -3.48 5.71
N TYR E 38 -4.81 -4.58 6.47
CA TYR E 38 -4.36 -5.87 5.96
C TYR E 38 -5.44 -6.94 6.06
N SER E 39 -6.70 -6.55 5.95
CA SER E 39 -7.80 -7.48 6.04
C SER E 39 -8.17 -8.01 4.65
N TYR E 40 -9.32 -8.66 4.56
CA TYR E 40 -9.82 -9.19 3.30
C TYR E 40 -11.33 -9.02 3.26
N PHE E 41 -11.88 -9.00 2.06
CA PHE E 41 -13.32 -8.92 1.90
C PHE E 41 -13.78 -9.81 0.75
N TYR E 42 -15.02 -10.25 0.84
CA TYR E 42 -15.61 -11.10 -0.20
C TYR E 42 -16.26 -10.24 -1.27
N ILE E 43 -16.12 -10.68 -2.52
CA ILE E 43 -16.81 -10.06 -3.65
C ILE E 43 -17.63 -11.13 -4.36
N GLU E 44 -18.78 -10.71 -4.87
CA GLU E 44 -19.81 -11.58 -5.42
C GLU E 44 -19.98 -11.20 -6.88
N PHE E 45 -19.16 -11.77 -7.76
CA PHE E 45 -19.11 -11.30 -9.13
C PHE E 45 -19.79 -12.32 -10.04
N GLN E 46 -20.74 -11.85 -10.85
CA GLN E 46 -21.56 -12.70 -11.69
C GLN E 46 -21.39 -12.33 -13.15
N PHE E 47 -21.30 -13.34 -14.01
CA PHE E 47 -21.05 -13.15 -15.42
C PHE E 47 -22.35 -13.26 -16.24
N LEU E 48 -22.30 -12.74 -17.45
CA LEU E 48 -23.43 -12.64 -18.37
C LEU E 48 -23.08 -13.37 -19.65
N PRO E 49 -24.10 -13.78 -20.45
CA PRO E 49 -23.90 -14.85 -21.43
C PRO E 49 -22.76 -15.83 -21.15
N THR E 50 -22.78 -16.46 -19.98
CA THR E 50 -22.09 -17.72 -19.77
C THR E 50 -23.12 -18.82 -20.00
N ASN E 51 -22.84 -19.67 -20.99
CA ASN E 51 -23.88 -20.58 -21.47
C ASN E 51 -24.27 -21.59 -20.40
N ASN E 52 -23.38 -22.54 -20.09
CA ASN E 52 -23.63 -23.43 -18.97
C ASN E 52 -22.36 -23.85 -18.25
N THR E 53 -21.20 -23.32 -18.59
CA THR E 53 -19.94 -23.90 -18.14
C THR E 53 -19.22 -22.98 -17.17
N PRO E 54 -18.43 -23.54 -16.27
CA PRO E 54 -17.56 -22.71 -15.43
C PRO E 54 -16.56 -21.93 -16.27
N GLN E 55 -16.22 -20.74 -15.80
CA GLN E 55 -15.32 -19.86 -16.52
C GLN E 55 -14.20 -19.37 -15.61
N PRO E 56 -13.03 -19.09 -16.17
CA PRO E 56 -11.91 -18.61 -15.36
C PRO E 56 -12.07 -17.15 -14.98
N TYR E 57 -11.35 -16.75 -13.93
CA TYR E 57 -11.30 -15.36 -13.51
C TYR E 57 -10.01 -15.12 -12.76
N ALA E 58 -9.64 -13.84 -12.65
CA ALA E 58 -8.48 -13.44 -11.87
C ALA E 58 -8.70 -12.02 -11.38
N ILE E 59 -8.26 -11.74 -10.15
CA ILE E 59 -8.49 -10.46 -9.52
C ILE E 59 -7.15 -9.76 -9.41
N PHE E 60 -6.90 -8.80 -10.28
CA PHE E 60 -5.67 -8.02 -10.22
C PHE E 60 -5.90 -6.86 -9.25
N VAL E 61 -5.24 -6.91 -8.10
CA VAL E 61 -5.36 -5.88 -7.06
C VAL E 61 -4.01 -5.21 -6.93
N GLY E 62 -4.01 -3.88 -6.89
CA GLY E 62 -2.78 -3.15 -6.72
C GLY E 62 -2.92 -1.64 -6.76
N PRO E 63 -1.84 -0.93 -6.42
CA PRO E 63 -1.88 0.55 -6.46
C PRO E 63 -1.68 1.04 -7.89
N ASN E 64 -2.62 1.86 -8.36
CA ASN E 64 -2.65 2.44 -9.71
C ASN E 64 -2.97 1.33 -10.71
N PRO E 65 -3.76 1.61 -11.75
CA PRO E 65 -4.14 0.55 -12.69
C PRO E 65 -2.98 -0.08 -13.42
N ASN E 66 -1.84 0.60 -13.53
CA ASN E 66 -0.72 0.03 -14.26
C ASN E 66 -0.05 -1.11 -13.48
N ASN E 67 0.17 -0.92 -12.18
CA ASN E 67 0.87 -1.91 -11.36
C ASN E 67 -0.17 -2.72 -10.58
N LEU E 68 -0.57 -3.85 -11.17
CA LEU E 68 -1.52 -4.76 -10.54
C LEU E 68 -0.84 -6.08 -10.20
N THR E 69 -1.10 -6.58 -9.00
CA THR E 69 -0.64 -7.90 -8.58
C THR E 69 -1.82 -8.86 -8.59
N GLU E 70 -1.64 -10.00 -9.24
CA GLU E 70 -2.74 -10.94 -9.48
C GLU E 70 -3.00 -11.81 -8.26
N VAL E 71 -4.29 -11.97 -7.92
CA VAL E 71 -4.72 -12.86 -6.85
C VAL E 71 -5.97 -13.59 -7.31
N ALA E 72 -6.38 -14.57 -6.50
CA ALA E 72 -7.70 -15.20 -6.57
C ALA E 72 -7.96 -15.83 -7.95
N GLU E 73 -7.16 -16.84 -8.28
CA GLU E 73 -7.53 -17.72 -9.38
C GLU E 73 -8.72 -18.58 -8.99
N GLY E 74 -9.34 -19.17 -9.99
CA GLY E 74 -10.47 -20.05 -9.75
C GLY E 74 -11.44 -19.99 -10.90
N TYR E 75 -12.43 -20.87 -10.82
CA TYR E 75 -13.47 -20.97 -11.85
C TYR E 75 -14.83 -20.71 -11.20
N THR E 76 -15.63 -19.86 -11.83
CA THR E 76 -16.95 -19.55 -11.32
C THR E 76 -17.87 -20.74 -11.45
N LEU E 77 -18.97 -20.71 -10.71
CA LEU E 77 -19.94 -21.79 -10.77
C LEU E 77 -20.65 -21.80 -12.12
N SER E 78 -21.33 -22.91 -12.40
CA SER E 78 -22.11 -23.02 -13.63
C SER E 78 -23.24 -22.01 -13.68
N ASN E 79 -23.69 -21.53 -12.52
CA ASN E 79 -24.69 -20.46 -12.49
C ASN E 79 -24.16 -19.19 -13.14
N GLY E 80 -22.84 -19.01 -13.16
CA GLY E 80 -22.23 -17.80 -13.65
C GLY E 80 -21.80 -16.83 -12.57
N THR E 81 -21.97 -17.18 -11.30
CA THR E 81 -21.58 -16.33 -10.18
C THR E 81 -20.44 -16.98 -9.42
N GLY E 82 -19.40 -16.20 -9.17
CA GLY E 82 -18.26 -16.65 -8.39
C GLY E 82 -18.07 -15.79 -7.17
N TYR E 83 -17.73 -16.43 -6.05
CA TYR E 83 -17.48 -15.75 -4.79
C TYR E 83 -15.98 -15.79 -4.53
N ALA E 84 -15.36 -14.63 -4.37
CA ALA E 84 -13.92 -14.57 -4.24
C ALA E 84 -13.51 -13.70 -3.07
N ARG E 85 -12.27 -13.88 -2.63
CA ARG E 85 -11.68 -13.12 -1.54
C ARG E 85 -10.64 -12.17 -2.11
N VAL E 86 -10.70 -10.91 -1.68
CA VAL E 86 -9.80 -9.87 -2.16
C VAL E 86 -9.10 -9.26 -0.94
N PRO E 87 -7.77 -9.19 -0.93
CA PRO E 87 -7.06 -8.50 0.15
C PRO E 87 -6.93 -7.01 -0.15
N VAL E 88 -6.45 -6.29 0.85
CA VAL E 88 -6.24 -4.85 0.74
C VAL E 88 -4.76 -4.56 1.00
N ILE E 89 -4.15 -3.81 0.09
CA ILE E 89 -2.75 -3.45 0.17
C ILE E 89 -2.56 -2.26 1.10
N ASN E 90 -1.32 -1.97 1.46
CA ASN E 90 -1.01 -0.86 2.36
C ASN E 90 -0.71 0.41 1.54
N ALA E 91 -1.70 0.81 0.75
CA ALA E 91 -1.60 2.01 -0.07
C ALA E 91 -2.91 2.77 0.01
N GLN E 92 -2.82 4.09 -0.22
CA GLN E 92 -4.01 4.93 -0.10
C GLN E 92 -5.06 4.57 -1.14
N THR E 93 -4.64 4.32 -2.38
CA THR E 93 -5.55 3.98 -3.46
C THR E 93 -5.23 2.59 -3.98
N GLU E 94 -6.26 1.73 -4.03
CA GLU E 94 -6.10 0.37 -4.53
C GLU E 94 -7.15 0.11 -5.59
N TYR E 95 -6.70 -0.33 -6.77
CA TYR E 95 -7.61 -0.75 -7.82
C TYR E 95 -7.74 -2.26 -7.78
N VAL E 96 -8.98 -2.74 -7.78
CA VAL E 96 -9.30 -4.16 -7.81
C VAL E 96 -10.00 -4.42 -9.13
N ASP E 97 -9.45 -5.33 -9.93
CA ASP E 97 -9.90 -5.56 -11.30
C ASP E 97 -10.25 -7.03 -11.47
N ILE E 98 -11.53 -7.32 -11.61
CA ILE E 98 -11.99 -8.66 -11.96
C ILE E 98 -11.84 -8.85 -13.46
N VAL E 99 -11.17 -9.94 -13.85
CA VAL E 99 -10.88 -10.24 -15.24
C VAL E 99 -11.44 -11.62 -15.55
N TRP E 100 -12.18 -11.72 -16.66
CA TRP E 100 -12.72 -12.97 -17.14
C TRP E 100 -11.67 -13.86 -17.80
N VAL E 101 -10.47 -13.35 -18.02
CA VAL E 101 -9.38 -14.05 -18.69
C VAL E 101 -9.88 -14.41 -20.09
N ASN E 102 -9.91 -13.39 -20.96
CA ASN E 102 -10.15 -13.40 -22.40
C ASN E 102 -11.15 -12.31 -22.75
N GLN E 103 -12.32 -12.35 -22.13
CA GLN E 103 -13.42 -11.45 -22.42
C GLN E 103 -13.37 -10.25 -21.48
N ASN E 104 -14.47 -9.50 -21.41
CA ASN E 104 -14.57 -8.23 -20.70
C ASN E 104 -14.10 -8.30 -19.25
N TYR E 105 -13.70 -7.15 -18.71
CA TYR E 105 -13.17 -7.03 -17.36
C TYR E 105 -13.69 -5.72 -16.76
N THR E 106 -13.60 -5.60 -15.44
CA THR E 106 -13.95 -4.33 -14.83
C THR E 106 -13.20 -4.14 -13.53
N MET E 107 -12.90 -2.89 -13.21
CA MET E 107 -12.16 -2.54 -12.01
C MET E 107 -12.90 -1.48 -11.21
N PHE E 108 -12.64 -1.45 -9.91
CA PHE E 108 -13.17 -0.44 -9.03
C PHE E 108 -12.07 -0.02 -8.04
N GLU E 109 -12.17 1.21 -7.56
CA GLU E 109 -11.16 1.77 -6.67
C GLU E 109 -11.65 1.74 -5.23
N ILE E 110 -10.72 1.49 -4.31
CA ILE E 110 -10.99 1.41 -2.89
C ILE E 110 -9.90 2.19 -2.16
N PHE E 111 -10.29 2.87 -1.09
CA PHE E 111 -9.35 3.68 -0.32
C PHE E 111 -9.15 3.08 1.07
N PRO E 112 -8.29 2.06 1.20
CA PRO E 112 -8.10 1.45 2.52
C PRO E 112 -7.34 2.35 3.46
N GLN E 113 -7.59 2.15 4.75
CA GLN E 113 -6.89 2.93 5.78
C GLN E 113 -5.42 2.55 5.81
N ILE E 114 -4.56 3.57 5.76
CA ILE E 114 -3.12 3.34 5.75
C ILE E 114 -2.66 3.04 7.17
N GLN E 115 -1.79 2.03 7.30
CA GLN E 115 -1.19 1.67 8.57
C GLN E 115 0.21 2.25 8.64
N ASN E 116 0.54 2.88 9.76
CA ASN E 116 1.84 3.52 9.91
C ASN E 116 2.97 2.49 9.83
N ALA E 117 4.09 2.91 9.24
CA ALA E 117 5.22 2.01 9.07
C ALA E 117 5.77 1.55 10.42
N THR E 118 5.89 2.48 11.37
CA THR E 118 6.37 2.14 12.70
C THR E 118 5.22 1.57 13.52
N THR E 119 5.46 0.40 14.12
CA THR E 119 4.46 -0.27 14.94
C THR E 119 4.90 -0.24 16.41
N THR E 120 4.00 0.20 17.27
CA THR E 120 4.25 0.28 18.70
C THR E 120 3.56 -0.87 19.41
N VAL E 121 4.32 -1.64 20.19
CA VAL E 121 3.80 -2.82 20.85
C VAL E 121 3.84 -2.60 22.36
N THR E 122 2.78 -3.02 23.04
CA THR E 122 2.61 -2.85 24.47
C THR E 122 2.51 -4.24 25.10
N LEU E 123 3.52 -4.63 25.86
CA LEU E 123 3.49 -5.87 26.62
C LEU E 123 2.94 -5.57 28.01
N SER E 124 1.76 -6.11 28.31
CA SER E 124 1.09 -5.82 29.57
C SER E 124 1.56 -6.78 30.65
N ALA E 125 2.05 -6.22 31.75
CA ALA E 125 2.51 -7.01 32.90
C ALA E 125 1.89 -6.44 34.16
N ASN E 126 1.30 -7.32 34.97
CA ASN E 126 0.63 -6.94 36.21
C ASN E 126 -0.45 -5.88 35.95
N ASN E 127 -1.29 -6.16 34.95
CA ASN E 127 -2.44 -5.33 34.61
C ASN E 127 -2.05 -3.93 34.16
N ASN E 128 -2.08 -2.97 35.08
CA ASN E 128 -1.98 -1.56 34.70
C ASN E 128 -0.65 -1.24 34.04
N GLN E 129 0.46 -1.75 34.59
CA GLN E 129 1.77 -1.44 34.04
C GLN E 129 1.93 -2.09 32.68
N GLY E 130 2.41 -1.32 31.71
CA GLY E 130 2.65 -1.85 30.38
C GLY E 130 3.94 -1.36 29.76
N PHE E 131 4.82 -2.30 29.40
CA PHE E 131 6.06 -1.95 28.71
C PHE E 131 5.75 -1.66 27.25
N SER E 132 5.80 -0.39 26.86
CA SER E 132 5.48 0.03 25.51
C SER E 132 6.77 0.40 24.79
N PHE E 133 6.96 -0.14 23.58
CA PHE E 133 8.14 0.23 22.81
C PHE E 133 7.84 0.09 21.32
N SER E 134 8.60 0.84 20.52
CA SER E 134 8.49 0.82 19.07
C SER E 134 9.86 1.06 18.48
N LEU E 135 10.24 0.22 17.54
CA LEU E 135 11.53 0.30 16.88
C LEU E 135 11.38 0.65 15.41
N PRO E 136 12.39 1.26 14.80
CA PRO E 136 12.34 1.47 13.35
C PRO E 136 12.27 0.14 12.62
N THR E 137 11.65 0.16 11.44
CA THR E 137 11.34 -1.08 10.73
C THR E 137 12.62 -1.85 10.38
N TRP E 138 13.73 -1.15 10.13
CA TRP E 138 14.94 -1.84 9.73
C TRP E 138 15.56 -2.60 10.89
N VAL E 139 15.65 -1.98 12.06
CA VAL E 139 16.25 -2.66 13.20
C VAL E 139 15.34 -3.79 13.66
N SER E 140 14.03 -3.61 13.60
CA SER E 140 13.11 -4.70 13.92
C SER E 140 13.28 -5.86 12.95
N TRP E 141 13.41 -5.56 11.66
CA TRP E 141 13.58 -6.63 10.68
C TRP E 141 14.88 -7.39 10.90
N VAL E 142 15.98 -6.67 11.17
CA VAL E 142 17.26 -7.36 11.34
C VAL E 142 17.26 -8.17 12.64
N ILE E 143 16.63 -7.63 13.69
CA ILE E 143 16.54 -8.37 14.95
C ILE E 143 15.74 -9.65 14.75
N GLY E 144 14.60 -9.55 14.06
CA GLY E 144 13.81 -10.73 13.79
C GLY E 144 14.54 -11.74 12.92
N ALA E 145 15.31 -11.24 11.96
CA ALA E 145 16.08 -12.13 11.10
C ALA E 145 17.15 -12.90 11.88
N VAL E 146 17.87 -12.20 12.76
CA VAL E 146 18.90 -12.87 13.55
C VAL E 146 18.25 -13.86 14.53
N LEU E 147 17.12 -13.48 15.11
CA LEU E 147 16.39 -14.40 15.99
C LEU E 147 15.94 -15.64 15.23
N MET E 148 15.47 -15.47 14.00
CA MET E 148 15.09 -16.61 13.18
C MET E 148 16.28 -17.50 12.86
N LEU E 149 17.44 -16.89 12.57
CA LEU E 149 18.66 -17.67 12.42
C LEU E 149 18.92 -18.53 13.65
N ILE E 150 18.91 -17.90 14.83
CA ILE E 150 19.28 -18.62 16.05
C ILE E 150 18.30 -19.76 16.31
N PHE E 151 17.00 -19.47 16.16
CA PHE E 151 15.99 -20.48 16.46
C PHE E 151 16.02 -21.62 15.44
N MET E 152 16.22 -21.31 14.16
CA MET E 152 16.27 -22.35 13.14
C MET E 152 17.51 -23.22 13.31
N GLY E 153 18.65 -22.61 13.65
CA GLY E 153 19.83 -23.40 13.92
C GLY E 153 19.66 -24.31 15.13
N VAL E 154 19.06 -23.79 16.19
CA VAL E 154 18.81 -24.60 17.37
C VAL E 154 17.86 -25.74 17.04
N GLY E 155 16.83 -25.47 16.24
CA GLY E 155 15.91 -26.52 15.84
C GLY E 155 16.59 -27.59 14.99
N TRP E 156 17.47 -27.17 14.07
CA TRP E 156 18.21 -28.14 13.28
C TRP E 156 19.09 -29.01 14.17
N LYS E 157 19.75 -28.40 15.15
CA LYS E 157 20.59 -29.19 16.05
C LYS E 157 19.76 -30.15 16.88
N PHE E 158 18.57 -29.71 17.32
CA PHE E 158 17.78 -30.52 18.23
C PHE E 158 17.03 -31.63 17.50
N MET E 159 16.15 -31.27 16.57
CA MET E 159 15.23 -32.23 15.96
C MET E 159 15.72 -32.70 14.59
N GLY E 160 15.96 -31.78 13.66
CA GLY E 160 16.44 -32.14 12.35
C GLY E 160 15.86 -31.28 11.25
N PRO E 161 15.77 -31.82 10.04
CA PRO E 161 15.17 -31.05 8.94
C PRO E 161 13.74 -30.64 9.21
N ALA E 162 12.95 -31.50 9.86
CA ALA E 162 11.62 -31.08 10.31
C ALA E 162 11.73 -30.10 11.48
N GLY E 163 12.81 -30.21 12.25
CA GLY E 163 13.06 -29.23 13.29
C GLY E 163 13.23 -27.84 12.74
N LEU E 164 13.80 -27.72 11.54
CA LEU E 164 13.89 -26.41 10.89
C LEU E 164 12.53 -25.76 10.81
N ALA E 165 11.54 -26.48 10.26
CA ALA E 165 10.20 -25.90 10.11
C ALA E 165 9.54 -25.67 11.46
N ILE E 166 9.65 -26.64 12.38
CA ILE E 166 8.95 -26.52 13.66
C ILE E 166 9.48 -25.34 14.45
N PHE E 167 10.81 -25.23 14.59
CA PHE E 167 11.37 -24.12 15.34
C PHE E 167 11.32 -22.81 14.57
N GLY E 168 11.22 -22.84 13.25
CA GLY E 168 10.92 -21.63 12.52
C GLY E 168 9.55 -21.09 12.87
N ILE E 169 8.56 -21.98 12.93
CA ILE E 169 7.22 -21.58 13.36
C ILE E 169 7.27 -21.04 14.78
N PHE E 170 7.98 -21.72 15.67
CA PHE E 170 8.04 -21.27 17.06
C PHE E 170 8.72 -19.91 17.18
N GLY E 171 9.85 -19.72 16.50
CA GLY E 171 10.55 -18.45 16.56
C GLY E 171 9.75 -17.32 15.94
N LEU E 172 9.01 -17.61 14.86
CA LEU E 172 8.20 -16.57 14.24
C LEU E 172 7.00 -16.24 15.12
N PHE E 173 6.48 -17.22 15.85
CA PHE E 173 5.46 -16.93 16.87
C PHE E 173 6.02 -16.00 17.94
N ILE E 174 7.21 -16.32 18.46
CA ILE E 174 7.79 -15.51 19.52
C ILE E 174 8.18 -14.13 19.00
N ALA E 175 8.44 -14.01 17.69
CA ALA E 175 8.67 -12.70 17.10
C ALA E 175 7.37 -11.92 16.97
N MET E 176 6.30 -12.58 16.53
CA MET E 176 5.00 -11.93 16.44
C MET E 176 4.52 -11.46 17.80
N PHE E 177 4.88 -12.17 18.86
CA PHE E 177 4.55 -11.72 20.21
C PHE E 177 5.17 -10.36 20.49
N PHE E 178 6.43 -10.18 20.11
CA PHE E 178 7.08 -8.88 20.17
C PHE E 178 6.72 -8.06 18.94
N GLY E 179 7.31 -6.87 18.83
CA GLY E 179 7.21 -6.11 17.60
C GLY E 179 8.31 -6.49 16.65
N LEU E 180 8.03 -7.40 15.74
CA LEU E 180 9.05 -8.03 14.90
C LEU E 180 8.40 -8.38 13.56
N LEU E 181 9.03 -9.32 12.83
CA LEU E 181 8.61 -9.79 11.51
C LEU E 181 7.10 -9.93 11.42
N PRO E 182 6.50 -9.52 10.30
CA PRO E 182 5.04 -9.53 10.18
C PRO E 182 4.47 -10.94 10.22
N SER E 183 3.14 -11.01 10.31
CA SER E 183 2.47 -12.29 10.53
C SER E 183 2.50 -13.17 9.28
N TYR E 184 2.32 -12.58 8.10
CA TYR E 184 2.12 -13.39 6.90
C TYR E 184 3.30 -14.29 6.58
N LEU E 185 4.50 -13.96 7.08
CA LEU E 185 5.65 -14.83 6.89
C LEU E 185 5.34 -16.25 7.34
N MET E 186 4.58 -16.38 8.43
CA MET E 186 4.18 -17.69 8.93
C MET E 186 3.59 -18.54 7.82
N TYR E 187 2.67 -17.96 7.05
CA TYR E 187 1.98 -18.72 6.01
C TYR E 187 2.97 -19.33 5.03
N VAL E 188 4.05 -18.60 4.72
CA VAL E 188 5.10 -19.15 3.86
C VAL E 188 5.56 -20.49 4.41
N ILE E 189 6.02 -20.51 5.66
CA ILE E 189 6.41 -21.77 6.29
C ILE E 189 5.23 -22.72 6.31
N LEU E 190 4.04 -22.19 6.65
CA LEU E 190 2.86 -23.04 6.72
C LEU E 190 2.52 -23.62 5.36
N PHE E 191 2.91 -22.95 4.27
CA PHE E 191 2.80 -23.54 2.96
C PHE E 191 3.81 -24.68 2.79
N ILE E 192 5.07 -24.42 3.14
CA ILE E 192 6.14 -25.34 2.78
C ILE E 192 5.99 -26.64 3.55
N VAL E 193 5.52 -26.57 4.80
CA VAL E 193 5.23 -27.80 5.55
C VAL E 193 4.17 -28.61 4.82
N ALA E 194 3.10 -27.94 4.37
CA ALA E 194 1.95 -28.64 3.82
C ALA E 194 2.36 -29.56 2.68
N ILE E 195 3.11 -29.04 1.71
CA ILE E 195 3.57 -29.85 0.59
C ILE E 195 4.30 -31.08 1.11
N VAL E 196 5.24 -30.86 2.02
CA VAL E 196 6.00 -31.98 2.58
C VAL E 196 5.06 -33.02 3.16
N GLY E 197 4.08 -32.55 3.95
CA GLY E 197 3.12 -33.49 4.50
C GLY E 197 2.42 -34.29 3.43
N ALA E 198 1.95 -33.61 2.39
CA ALA E 198 1.30 -34.30 1.29
C ALA E 198 2.19 -35.42 0.79
N ARG E 199 3.47 -35.11 0.57
CA ARG E 199 4.39 -36.11 0.04
C ARG E 199 4.37 -37.37 0.89
N ILE E 200 4.54 -37.21 2.21
CA ILE E 200 4.65 -38.39 3.05
C ILE E 200 3.34 -39.18 3.00
N LEU E 201 2.21 -38.48 2.97
CA LEU E 201 0.93 -39.18 2.88
C LEU E 201 0.87 -39.99 1.61
N THR E 202 1.28 -39.41 0.49
CA THR E 202 1.30 -40.15 -0.76
C THR E 202 2.24 -41.34 -0.66
N LYS E 203 3.39 -41.15 -0.02
CA LYS E 203 4.35 -42.24 0.09
C LYS E 203 3.81 -43.38 0.94
N GLN E 204 2.74 -43.15 1.69
CA GLN E 204 2.13 -44.20 2.49
C GLN E 204 0.83 -44.71 1.89
N LEU E 205 0.51 -44.35 0.65
CA LEU E 205 -0.74 -44.77 0.03
C LEU E 205 -0.54 -45.67 -1.17
N GLY E 206 0.22 -45.22 -2.17
CA GLY E 206 0.36 -45.95 -3.41
C GLY E 206 1.44 -47.02 -3.34
N GLY E 207 1.75 -47.55 -4.51
CA GLY E 207 2.78 -48.58 -4.63
C GLY E 207 4.15 -48.01 -4.94
N VAL F 27 -25.70 -2.50 -5.81
CA VAL F 27 -24.60 -2.82 -6.70
C VAL F 27 -23.88 -1.55 -7.13
N SER F 28 -24.48 -0.40 -6.82
CA SER F 28 -23.90 0.88 -7.19
C SER F 28 -22.63 1.16 -6.39
N LEU F 29 -21.76 1.97 -6.98
CA LEU F 29 -20.50 2.33 -6.37
C LEU F 29 -20.45 3.83 -6.09
N PRO F 30 -19.88 4.24 -4.96
CA PRO F 30 -19.84 5.68 -4.64
C PRO F 30 -18.94 6.41 -5.60
N PRO F 31 -19.23 7.68 -5.88
CA PRO F 31 -18.35 8.49 -6.73
C PRO F 31 -17.14 8.97 -5.94
N LEU F 32 -16.27 9.73 -6.62
CA LEU F 32 -14.99 10.08 -6.02
C LEU F 32 -15.14 11.15 -4.94
N TYR F 33 -16.01 12.14 -5.16
CA TYR F 33 -16.14 13.22 -4.18
C TYR F 33 -16.73 12.71 -2.87
N VAL F 34 -17.79 11.91 -2.95
CA VAL F 34 -18.40 11.35 -1.76
C VAL F 34 -17.42 10.43 -1.04
N GLU F 35 -16.72 9.59 -1.81
CA GLU F 35 -15.73 8.70 -1.22
C GLU F 35 -14.64 9.48 -0.50
N ASP F 36 -14.15 10.55 -1.13
CA ASP F 36 -13.08 11.35 -0.52
C ASP F 36 -13.55 12.00 0.77
N ALA F 37 -14.73 12.63 0.74
CA ALA F 37 -15.23 13.32 1.92
C ALA F 37 -15.45 12.34 3.08
N VAL F 38 -16.12 11.21 2.79
CA VAL F 38 -16.39 10.24 3.84
C VAL F 38 -15.11 9.61 4.35
N ASN F 39 -14.14 9.36 3.45
CA ASN F 39 -12.87 8.80 3.87
C ASN F 39 -12.13 9.76 4.81
N ALA F 40 -12.11 11.05 4.47
CA ALA F 40 -11.45 12.02 5.34
C ALA F 40 -12.12 12.08 6.70
N GLU F 41 -13.46 12.15 6.70
CA GLU F 41 -14.18 12.23 7.97
C GLU F 41 -13.97 10.99 8.81
N ILE F 42 -13.96 9.81 8.19
CA ILE F 42 -13.78 8.56 8.92
C ILE F 42 -12.36 8.46 9.46
N GLN F 43 -11.37 8.86 8.66
CA GLN F 43 -9.99 8.79 9.10
C GLN F 43 -9.70 9.77 10.23
N GLN F 44 -10.41 10.90 10.27
CA GLN F 44 -10.10 11.92 11.26
C GLN F 44 -11.11 11.99 12.40
N LEU F 45 -12.40 11.74 12.13
CA LEU F 45 -13.48 12.01 13.07
C LEU F 45 -14.18 10.74 13.55
N TRP F 46 -13.40 9.69 13.82
CA TRP F 46 -13.94 8.40 14.25
C TRP F 46 -13.25 7.99 15.55
N SER F 47 -14.03 7.80 16.61
CA SER F 47 -13.49 7.43 17.91
C SER F 47 -14.51 6.58 18.66
N LYS F 48 -14.30 6.42 19.96
CA LYS F 48 -15.09 5.53 20.78
C LYS F 48 -16.09 6.33 21.61
N SER F 49 -17.37 5.97 21.50
CA SER F 49 -18.42 6.59 22.29
C SER F 49 -18.33 6.11 23.74
N PRO F 50 -18.93 6.85 24.67
CA PRO F 50 -18.86 6.44 26.08
C PRO F 50 -19.47 5.07 26.34
N THR F 51 -20.46 4.66 25.55
CA THR F 51 -21.15 3.40 25.81
C THR F 51 -20.52 2.19 25.14
N GLY F 52 -19.84 2.37 24.01
CA GLY F 52 -19.14 1.25 23.41
C GLY F 52 -19.18 1.17 21.89
N VAL F 53 -20.21 1.74 21.27
CA VAL F 53 -20.34 1.69 19.82
C VAL F 53 -19.58 2.86 19.21
N TYR F 54 -18.73 2.56 18.23
CA TYR F 54 -17.94 3.60 17.60
C TYR F 54 -18.85 4.56 16.84
N ALA F 55 -18.56 5.86 16.98
CA ALA F 55 -19.36 6.90 16.35
C ALA F 55 -18.50 8.15 16.16
N PHE F 56 -19.09 9.15 15.52
CA PHE F 56 -18.39 10.39 15.22
C PHE F 56 -18.57 11.38 16.37
N HIS F 57 -17.47 12.02 16.77
CA HIS F 57 -17.57 13.15 17.69
C HIS F 57 -17.78 14.43 16.90
N GLU F 58 -17.84 15.57 17.61
CA GLU F 58 -18.30 16.80 16.97
C GLU F 58 -17.16 17.55 16.29
N ALA F 59 -16.09 17.82 17.01
CA ALA F 59 -14.98 18.62 16.50
C ALA F 59 -13.67 17.94 16.78
N PRO F 60 -12.64 18.22 15.98
CA PRO F 60 -11.31 17.66 16.28
C PRO F 60 -10.77 18.08 17.64
N SER F 61 -11.09 19.29 18.08
CA SER F 61 -10.57 19.80 19.35
C SER F 61 -11.44 19.41 20.54
N VAL F 62 -12.76 19.33 20.35
CA VAL F 62 -13.65 19.05 21.48
C VAL F 62 -13.42 17.63 22.00
N ASN F 63 -13.52 16.64 21.12
CA ASN F 63 -13.13 15.26 21.41
C ASN F 63 -14.06 14.60 22.43
N ASN F 64 -14.99 15.36 23.00
CA ASN F 64 -15.86 14.84 24.05
C ASN F 64 -17.27 14.54 23.55
N SER F 65 -17.95 15.52 22.95
CA SER F 65 -19.35 15.36 22.61
C SER F 65 -19.54 14.45 21.41
N PHE F 66 -20.55 13.59 21.49
CA PHE F 66 -20.97 12.72 20.39
C PHE F 66 -22.42 13.04 20.07
N TRP F 67 -22.65 13.66 18.92
CA TRP F 67 -23.99 14.10 18.55
C TRP F 67 -24.65 13.05 17.68
N PRO F 68 -25.76 12.43 18.11
CA PRO F 68 -26.50 11.54 17.21
C PRO F 68 -27.00 12.25 15.96
N ASP F 69 -27.32 13.53 16.08
CA ASP F 69 -27.71 14.31 14.90
C ASP F 69 -26.58 14.32 13.87
N ASP F 70 -25.34 14.44 14.33
CA ASP F 70 -24.21 14.46 13.42
C ASP F 70 -24.07 13.14 12.66
N ASN F 71 -24.22 12.02 13.37
CA ASN F 71 -24.19 10.73 12.69
C ASN F 71 -25.38 10.58 11.75
N ALA F 72 -26.52 11.18 12.08
CA ALA F 72 -27.63 11.21 11.13
C ALA F 72 -27.27 11.98 9.88
N LYS F 73 -26.55 13.10 10.03
CA LYS F 73 -26.09 13.85 8.87
C LYS F 73 -25.16 12.99 8.01
N PHE F 74 -24.26 12.26 8.65
CA PHE F 74 -23.37 11.36 7.91
C PHE F 74 -24.17 10.30 7.16
N LEU F 75 -25.20 9.75 7.82
CA LEU F 75 -26.04 8.75 7.18
C LEU F 75 -26.77 9.35 5.98
N GLU F 76 -27.25 10.58 6.11
CA GLU F 76 -27.84 11.27 4.96
C GLU F 76 -26.84 11.41 3.82
N SER F 77 -25.59 11.74 4.17
CA SER F 77 -24.57 11.90 3.14
C SER F 77 -24.28 10.59 2.41
N ILE F 78 -24.28 9.47 3.14
CA ILE F 78 -23.82 8.20 2.60
C ILE F 78 -24.95 7.26 2.22
N ALA F 79 -26.21 7.71 2.33
CA ALA F 79 -27.34 6.83 2.04
C ALA F 79 -27.34 6.24 0.63
N PRO F 80 -27.12 7.01 -0.45
CA PRO F 80 -27.26 6.41 -1.79
C PRO F 80 -26.30 5.27 -2.06
N TRP F 81 -25.18 5.18 -1.35
CA TRP F 81 -24.20 4.12 -1.51
C TRP F 81 -23.93 3.46 -0.17
N TRP F 82 -25.03 3.12 0.52
CA TRP F 82 -24.93 2.63 1.90
C TRP F 82 -24.15 1.32 1.99
N GLN F 83 -24.35 0.40 1.05
CA GLN F 83 -23.71 -0.90 1.16
C GLN F 83 -22.19 -0.82 1.16
N SER F 84 -21.62 0.28 0.65
CA SER F 84 -20.16 0.43 0.64
C SER F 84 -19.61 0.56 2.05
N TYR F 85 -20.16 1.47 2.83
CA TYR F 85 -19.72 1.68 4.21
C TYR F 85 -20.64 0.95 5.19
N SER F 86 -20.72 -0.37 4.99
CA SER F 86 -21.65 -1.19 5.77
C SER F 86 -21.30 -1.17 7.25
N SER F 87 -20.02 -1.33 7.59
CA SER F 87 -19.62 -1.43 8.98
C SER F 87 -19.88 -0.13 9.73
N TYR F 88 -19.50 1.01 9.13
CA TYR F 88 -19.70 2.29 9.79
C TYR F 88 -21.17 2.61 9.94
N VAL F 89 -21.98 2.31 8.92
CA VAL F 89 -23.41 2.57 9.03
C VAL F 89 -24.04 1.70 10.11
N ASN F 90 -23.63 0.43 10.18
CA ASN F 90 -24.14 -0.44 11.24
C ASN F 90 -23.76 0.10 12.61
N SER F 91 -22.52 0.58 12.75
CA SER F 91 -22.08 1.14 14.03
C SER F 91 -22.91 2.36 14.42
N THR F 92 -23.12 3.29 13.48
CA THR F 92 -23.87 4.49 13.83
C THR F 92 -25.35 4.19 14.02
N LEU F 93 -25.89 3.18 13.34
CA LEU F 93 -27.26 2.78 13.58
C LEU F 93 -27.43 2.19 14.98
N GLN F 94 -26.46 1.38 15.42
CA GLN F 94 -26.49 0.91 16.80
C GLN F 94 -26.38 2.07 17.79
N PHE F 95 -25.52 3.04 17.47
CA PHE F 95 -25.39 4.23 18.32
C PHE F 95 -26.71 4.96 18.43
N LEU F 96 -27.42 5.14 17.31
CA LEU F 96 -28.72 5.79 17.35
C LEU F 96 -29.73 4.96 18.14
N GLN F 97 -29.66 3.63 18.00
CA GLN F 97 -30.59 2.76 18.70
C GLN F 97 -30.42 2.89 20.21
N GLN F 98 -29.18 2.94 20.69
CA GLN F 98 -28.96 3.10 22.11
C GLN F 98 -28.99 4.56 22.57
N SER F 99 -29.21 5.50 21.66
CA SER F 99 -29.30 6.92 22.01
C SER F 99 -30.72 7.46 21.87
N ASP F 100 -31.71 6.58 21.81
CA ASP F 100 -33.11 6.97 21.73
C ASP F 100 -33.85 6.43 22.94
N VAL F 101 -34.61 7.29 23.61
CA VAL F 101 -35.33 6.88 24.81
C VAL F 101 -36.57 6.06 24.45
N ASN F 102 -37.55 6.68 23.81
CA ASN F 102 -38.69 5.96 23.26
C ASN F 102 -38.78 6.10 21.75
N GLY F 103 -38.88 7.31 21.24
CA GLY F 103 -38.85 7.56 19.81
C GLY F 103 -38.11 8.83 19.47
N LEU F 104 -37.69 9.57 20.48
CA LEU F 104 -37.04 10.86 20.33
C LEU F 104 -35.59 10.77 20.79
N PHE F 105 -34.68 11.28 19.96
CA PHE F 105 -33.26 11.14 20.23
C PHE F 105 -32.75 12.26 21.13
N ILE F 106 -31.73 11.94 21.92
CA ILE F 106 -31.10 12.93 22.78
C ILE F 106 -30.04 13.71 22.00
N LYS F 107 -29.58 14.83 22.56
CA LYS F 107 -28.75 15.75 21.80
C LYS F 107 -27.27 15.37 21.86
N ARG F 108 -26.75 15.08 23.05
CA ARG F 108 -25.33 14.86 23.23
C ARG F 108 -25.05 13.61 24.05
N PHE F 109 -23.89 13.02 23.81
CA PHE F 109 -23.32 11.97 24.65
C PHE F 109 -21.93 12.48 25.05
N GLU F 110 -21.88 13.28 26.12
CA GLU F 110 -20.68 14.02 26.45
C GLU F 110 -19.70 13.18 27.25
N TYR F 111 -18.42 13.32 26.92
CA TYR F 111 -17.36 12.80 27.78
C TYR F 111 -17.09 13.77 28.92
N PRO F 112 -17.17 13.33 30.17
CA PRO F 112 -16.87 14.25 31.28
C PRO F 112 -15.45 14.76 31.22
N LEU F 113 -15.28 16.02 31.58
CA LEU F 113 -13.96 16.66 31.61
C LEU F 113 -13.33 16.39 32.97
N ASN F 114 -12.32 15.51 32.98
CA ASN F 114 -11.70 15.14 34.25
C ASN F 114 -11.07 16.33 34.97
N PRO F 115 -10.35 17.27 34.31
CA PRO F 115 -9.98 18.51 34.99
C PRO F 115 -11.16 19.21 35.65
N TRP F 588 -24.49 3.13 34.10
CA TRP F 588 -23.76 4.38 34.07
C TRP F 588 -23.85 5.05 32.70
N TRP F 589 -24.62 6.12 32.62
CA TRP F 589 -24.82 6.87 31.39
C TRP F 589 -24.53 8.34 31.63
N GLU F 590 -23.71 8.93 30.77
CA GLU F 590 -23.35 10.35 30.85
C GLU F 590 -23.80 11.02 29.56
N ALA F 591 -25.00 11.61 29.59
CA ALA F 591 -25.57 12.25 28.41
C ALA F 591 -26.72 13.17 28.78
N VAL F 592 -26.70 14.40 28.27
CA VAL F 592 -27.80 15.31 28.49
C VAL F 592 -29.05 14.79 27.78
N TRP F 593 -30.20 14.90 28.44
CA TRP F 593 -31.43 14.26 27.99
C TRP F 593 -32.36 15.20 27.23
N GLY F 594 -31.91 16.40 26.91
CA GLY F 594 -32.75 17.30 26.14
C GLY F 594 -33.03 16.77 24.74
N GLU F 595 -34.18 17.15 24.20
CA GLU F 595 -34.53 16.71 22.86
C GLU F 595 -33.56 17.30 21.84
N ASN F 596 -33.18 16.49 20.86
CA ASN F 596 -32.10 16.85 19.95
C ASN F 596 -32.61 17.75 18.84
N TYR F 597 -31.94 18.89 18.64
CA TYR F 597 -32.31 19.80 17.57
C TYR F 597 -32.05 19.17 16.21
N TYR F 598 -32.84 19.59 15.23
CA TYR F 598 -32.82 19.01 13.88
C TYR F 598 -33.00 17.50 13.95
N GLU F 599 -33.86 17.03 14.85
CA GLU F 599 -34.13 15.60 14.88
C GLU F 599 -34.99 15.16 13.69
N GLY F 600 -35.77 16.08 13.11
CA GLY F 600 -36.38 15.81 11.82
C GLY F 600 -35.34 15.50 10.76
N GLU F 601 -34.15 16.10 10.86
CA GLU F 601 -33.04 15.69 10.01
C GLU F 601 -32.70 14.23 10.25
N ILE F 602 -32.76 13.78 11.50
CA ILE F 602 -32.52 12.36 11.79
C ILE F 602 -33.57 11.50 11.13
N ILE F 603 -34.85 11.92 11.21
CA ILE F 603 -35.91 11.16 10.56
C ILE F 603 -35.69 11.09 9.06
N TYR F 604 -35.29 12.22 8.46
CA TYR F 604 -35.03 12.24 7.02
C TYR F 604 -33.86 11.34 6.66
N ALA F 605 -32.81 11.33 7.48
CA ALA F 605 -31.66 10.48 7.20
C ALA F 605 -32.04 9.00 7.27
N LEU F 606 -32.80 8.63 8.31
CA LEU F 606 -33.23 7.24 8.42
C LEU F 606 -34.15 6.85 7.26
N ALA F 607 -35.04 7.76 6.85
CA ALA F 607 -35.90 7.47 5.71
C ALA F 607 -35.09 7.31 4.43
N LEU F 608 -34.11 8.18 4.21
CA LEU F 608 -33.27 8.07 3.03
C LEU F 608 -32.48 6.76 3.03
N LEU F 609 -31.98 6.35 4.18
CA LEU F 609 -31.34 5.05 4.29
C LEU F 609 -32.32 3.93 3.97
N GLY F 610 -33.55 4.04 4.45
CA GLY F 610 -34.55 3.01 4.19
C GLY F 610 -34.94 2.92 2.73
N LYS F 611 -34.87 4.04 2.00
CA LYS F 611 -35.27 4.03 0.60
C LYS F 611 -34.38 3.12 -0.23
N TYR F 612 -33.09 3.09 0.07
CA TYR F 612 -32.12 2.31 -0.69
C TYR F 612 -31.86 0.93 -0.09
N GLY F 613 -32.57 0.56 0.98
CA GLY F 613 -32.33 -0.69 1.66
C GLY F 613 -32.32 -0.52 3.17
N ASN F 614 -31.65 -1.42 3.88
CA ASN F 614 -31.49 -1.32 5.33
C ASN F 614 -32.85 -1.21 6.03
N SER F 615 -33.60 -2.31 5.96
CA SER F 615 -34.96 -2.34 6.51
C SER F 615 -34.98 -1.93 7.97
N GLN F 616 -33.89 -2.18 8.71
CA GLN F 616 -33.81 -1.68 10.08
C GLN F 616 -33.92 -0.17 10.12
N ALA F 617 -33.23 0.51 9.21
CA ALA F 617 -33.31 1.98 9.15
C ALA F 617 -34.73 2.43 8.80
N LEU F 618 -35.40 1.71 7.90
CA LEU F 618 -36.77 2.09 7.54
C LEU F 618 -37.72 1.93 8.72
N GLN F 619 -37.62 0.82 9.45
CA GLN F 619 -38.46 0.65 10.65
C GLN F 619 -38.15 1.72 11.69
N MET F 620 -36.87 2.05 11.86
CA MET F 620 -36.48 3.12 12.77
C MET F 620 -37.12 4.44 12.37
N ALA F 621 -37.07 4.75 11.06
CA ALA F 621 -37.65 6.00 10.57
C ALA F 621 -39.15 6.02 10.81
N GLN F 622 -39.83 4.91 10.57
CA GLN F 622 -41.28 4.87 10.79
C GLN F 622 -41.61 5.09 12.26
N GLN F 623 -40.89 4.42 13.16
CA GLN F 623 -41.18 4.54 14.59
C GLN F 623 -40.93 5.95 15.08
N ALA F 624 -39.79 6.54 14.70
CA ALA F 624 -39.49 7.90 15.12
C ALA F 624 -40.43 8.90 14.47
N TRP F 625 -40.87 8.63 13.23
CA TRP F 625 -41.89 9.44 12.59
C TRP F 625 -43.15 9.49 13.42
N LEU F 626 -43.64 8.31 13.82
CA LEU F 626 -44.86 8.27 14.63
C LEU F 626 -44.66 8.99 15.96
N SER F 627 -43.52 8.76 16.63
CA SER F 627 -43.28 9.40 17.91
C SER F 627 -43.29 10.92 17.79
N TYR F 628 -42.51 11.47 16.85
CA TYR F 628 -42.42 12.92 16.74
C TYR F 628 -43.72 13.51 16.21
N TYR F 629 -44.45 12.80 15.36
CA TYR F 629 -45.74 13.34 14.90
C TYR F 629 -46.73 13.42 16.04
N ASN F 630 -46.78 12.41 16.91
CA ASN F 630 -47.63 12.50 18.09
C ASN F 630 -47.19 13.64 18.99
N GLN F 631 -45.87 13.80 19.17
CA GLN F 631 -45.37 14.88 20.02
C GLN F 631 -45.74 16.24 19.47
N LEU F 632 -45.71 16.39 18.14
CA LEU F 632 -46.07 17.66 17.52
C LEU F 632 -47.58 17.92 17.61
N LYS F 633 -48.39 16.90 17.36
CA LYS F 633 -49.84 17.04 17.52
C LYS F 633 -50.20 17.36 18.96
N ALA F 634 -49.36 16.96 19.92
CA ALA F 634 -49.60 17.33 21.32
C ALA F 634 -49.59 18.85 21.50
N TYR F 635 -48.61 19.53 20.90
CA TYR F 635 -48.52 20.98 21.05
C TYR F 635 -49.21 21.72 19.90
N ASN F 636 -48.67 21.56 18.68
CA ASN F 636 -49.07 22.20 17.43
C ASN F 636 -47.84 22.44 16.56
N GLY F 637 -47.25 23.63 16.69
CA GLY F 637 -46.06 23.99 15.94
C GLY F 637 -44.99 24.61 16.79
N ALA F 638 -44.81 24.12 18.01
CA ALA F 638 -43.89 24.70 18.98
C ALA F 638 -42.52 24.01 18.98
N THR F 639 -42.07 23.55 17.82
CA THR F 639 -40.81 22.84 17.68
C THR F 639 -39.86 23.65 16.80
N TYR F 640 -38.66 23.10 16.58
CA TYR F 640 -37.71 23.70 15.67
C TYR F 640 -38.26 23.66 14.25
N THR F 641 -38.15 24.79 13.55
CA THR F 641 -38.78 24.93 12.24
C THR F 641 -38.02 24.15 11.16
N SER F 642 -36.68 24.21 11.17
CA SER F 642 -35.91 23.44 10.21
C SER F 642 -36.12 21.95 10.42
N SER F 643 -36.21 21.52 11.68
CA SER F 643 -36.55 20.13 11.97
C SER F 643 -37.93 19.79 11.42
N LEU F 644 -38.87 20.72 11.48
CA LEU F 644 -40.19 20.49 10.92
C LEU F 644 -40.12 20.32 9.40
N ALA F 645 -39.33 21.15 8.72
CA ALA F 645 -39.18 21.03 7.28
C ALA F 645 -38.57 19.68 6.91
N ARG F 646 -37.54 19.26 7.65
CA ARG F 646 -36.95 17.95 7.42
C ARG F 646 -37.95 16.84 7.73
N PHE F 647 -38.86 17.07 8.67
CA PHE F 647 -39.94 16.12 8.91
C PHE F 647 -40.86 16.00 7.70
N ILE F 648 -41.22 17.12 7.08
CA ILE F 648 -42.05 17.04 5.88
C ILE F 648 -41.32 16.27 4.80
N MET F 649 -40.02 16.51 4.65
CA MET F 649 -39.24 15.75 3.67
C MET F 649 -39.25 14.26 3.98
N ALA F 650 -39.06 13.91 5.25
CA ALA F 650 -39.04 12.51 5.66
C ALA F 650 -40.39 11.85 5.43
N THR F 651 -41.47 12.57 5.71
CA THR F 651 -42.81 12.04 5.47
C THR F 651 -43.03 11.81 3.98
N ILE F 652 -42.55 12.73 3.15
CA ILE F 652 -42.67 12.55 1.70
C ILE F 652 -41.93 11.28 1.26
N LEU F 653 -40.71 11.10 1.75
CA LEU F 653 -39.95 9.90 1.39
C LEU F 653 -40.64 8.63 1.88
N LEU F 654 -41.14 8.66 3.12
CA LEU F 654 -41.80 7.47 3.67
C LEU F 654 -43.03 7.11 2.87
N TYR F 655 -43.85 8.10 2.50
CA TYR F 655 -44.98 7.82 1.64
C TYR F 655 -44.53 7.31 0.28
N ASN F 656 -43.38 7.79 -0.21
CA ASN F 656 -42.87 7.31 -1.48
C ASN F 656 -42.49 5.83 -1.42
N ILE F 657 -41.87 5.40 -0.32
CA ILE F 657 -41.31 4.05 -0.27
C ILE F 657 -42.15 3.06 0.55
N THR F 658 -43.02 3.53 1.44
CA THR F 658 -43.83 2.61 2.22
C THR F 658 -45.22 2.40 1.61
N GLY F 659 -45.86 3.48 1.18
CA GLY F 659 -47.20 3.40 0.62
C GLY F 659 -48.32 3.60 1.60
N ASN F 660 -48.02 3.73 2.89
CA ASN F 660 -49.06 4.00 3.88
C ASN F 660 -49.71 5.34 3.59
N THR F 661 -51.05 5.36 3.62
CA THR F 661 -51.78 6.56 3.21
C THR F 661 -51.74 7.66 4.26
N GLN F 662 -51.60 7.31 5.54
CA GLN F 662 -51.70 8.32 6.59
C GLN F 662 -50.64 9.41 6.41
N TYR F 663 -49.44 9.01 5.97
CA TYR F 663 -48.37 9.98 5.73
C TYR F 663 -48.88 11.12 4.87
N SER F 664 -49.60 10.80 3.79
CA SER F 664 -50.18 11.81 2.93
C SER F 664 -50.88 12.87 3.77
N ASN F 665 -51.93 12.47 4.49
CA ASN F 665 -52.68 13.42 5.30
C ASN F 665 -51.75 14.20 6.20
N ALA F 666 -50.83 13.48 6.86
CA ALA F 666 -49.92 14.13 7.80
C ALA F 666 -49.20 15.30 7.14
N TYR F 667 -48.59 15.06 5.98
CA TYR F 667 -47.78 16.12 5.40
C TYR F 667 -48.64 17.31 5.05
N THR F 668 -49.88 17.05 4.59
CA THR F 668 -50.79 18.14 4.31
C THR F 668 -50.95 19.01 5.55
N GLN F 669 -51.29 18.39 6.68
CA GLN F 669 -51.36 19.14 7.92
C GLN F 669 -50.02 19.77 8.24
N LEU F 670 -48.94 19.01 8.08
CA LEU F 670 -47.61 19.57 8.33
C LEU F 670 -47.36 20.76 7.43
N ALA F 671 -47.83 20.69 6.18
CA ALA F 671 -47.69 21.83 5.28
C ALA F 671 -48.27 23.08 5.90
N ASN F 672 -49.48 22.98 6.44
CA ASN F 672 -50.10 24.13 7.10
C ASN F 672 -49.20 24.67 8.19
N TRP F 673 -48.60 23.78 8.99
CA TRP F 673 -47.70 24.23 10.05
C TRP F 673 -46.53 25.01 9.48
N LEU F 674 -45.96 24.53 8.38
CA LEU F 674 -44.86 25.28 7.77
C LEU F 674 -45.35 26.61 7.20
N LEU F 675 -46.60 26.65 6.72
CA LEU F 675 -47.17 27.92 6.29
C LEU F 675 -47.51 28.81 7.47
N GLN F 676 -47.62 28.25 8.68
CA GLN F 676 -47.88 29.06 9.86
C GLN F 676 -46.66 29.90 10.23
N TYR F 677 -45.47 29.37 10.00
CA TYR F 677 -44.23 30.07 10.31
C TYR F 677 -43.81 30.97 9.16
N PHE F 902 -33.70 33.25 10.15
CA PHE F 902 -32.27 33.04 9.90
C PHE F 902 -32.08 32.50 8.49
N LEU F 903 -30.82 32.38 8.07
CA LEU F 903 -30.54 31.94 6.71
C LEU F 903 -30.79 30.44 6.55
N ASP F 904 -30.27 29.63 7.47
CA ASP F 904 -30.36 28.18 7.32
C ASP F 904 -31.80 27.69 7.43
N ILE F 905 -32.57 28.24 8.37
CA ILE F 905 -33.97 27.87 8.50
C ILE F 905 -34.76 28.27 7.26
N SER F 906 -34.47 29.46 6.71
CA SER F 906 -35.14 29.84 5.47
C SER F 906 -34.81 28.87 4.35
N ALA F 907 -33.55 28.42 4.29
CA ALA F 907 -33.16 27.45 3.27
C ALA F 907 -33.93 26.15 3.41
N MET F 908 -34.02 25.61 4.64
CA MET F 908 -34.77 24.37 4.83
C MET F 908 -36.26 24.56 4.58
N ALA F 909 -36.81 25.72 4.97
CA ALA F 909 -38.22 25.99 4.69
C ALA F 909 -38.48 25.99 3.19
N GLY F 910 -37.60 26.63 2.41
CA GLY F 910 -37.76 26.59 0.97
C GLY F 910 -37.58 25.21 0.39
N GLN F 911 -36.67 24.43 0.95
CA GLN F 911 -36.47 23.05 0.51
C GLN F 911 -37.75 22.23 0.72
N ALA F 912 -38.37 22.37 1.88
CA ALA F 912 -39.63 21.68 2.14
C ALA F 912 -40.74 22.21 1.26
N MET F 913 -40.75 23.52 0.98
CA MET F 913 -41.71 24.08 0.04
C MET F 913 -41.61 23.40 -1.31
N MET F 914 -40.38 23.26 -1.81
CA MET F 914 -40.15 22.63 -3.11
C MET F 914 -40.57 21.17 -3.10
N ALA F 915 -40.26 20.45 -2.01
CA ALA F 915 -40.69 19.06 -1.91
C ALA F 915 -42.21 18.94 -1.91
N LEU F 916 -42.88 19.82 -1.17
CA LEU F 916 -44.33 19.80 -1.12
C LEU F 916 -44.93 20.10 -2.49
N TYR F 917 -44.35 21.04 -3.23
CA TYR F 917 -44.81 21.28 -4.59
C TYR F 917 -44.58 20.06 -5.48
N ALA F 918 -43.42 19.43 -5.34
CA ALA F 918 -43.12 18.27 -6.17
C ALA F 918 -44.08 17.12 -5.89
N VAL F 919 -44.60 17.02 -4.67
CA VAL F 919 -45.50 15.92 -4.37
C VAL F 919 -46.95 16.26 -4.70
N THR F 920 -47.39 17.51 -4.44
CA THR F 920 -48.80 17.85 -4.59
C THR F 920 -49.09 18.83 -5.71
N LYS F 921 -48.09 19.54 -6.23
CA LYS F 921 -48.27 20.48 -7.35
C LYS F 921 -49.33 21.54 -7.05
N ASN F 922 -49.24 22.16 -5.87
CA ASN F 922 -50.11 23.27 -5.51
C ASN F 922 -49.31 24.56 -5.60
N ILE F 923 -49.93 25.60 -6.15
CA ILE F 923 -49.21 26.83 -6.52
C ILE F 923 -48.69 27.56 -5.28
N THR F 924 -49.43 27.53 -4.17
CA THR F 924 -49.04 28.31 -3.00
C THR F 924 -47.67 27.89 -2.47
N TYR F 925 -47.33 26.62 -2.59
CA TYR F 925 -46.01 26.16 -2.17
C TYR F 925 -44.92 26.81 -3.03
N LEU F 926 -45.15 26.89 -4.35
CA LEU F 926 -44.22 27.62 -5.21
C LEU F 926 -44.17 29.10 -4.85
N LEU F 927 -45.31 29.70 -4.51
CA LEU F 927 -45.30 31.11 -4.15
C LEU F 927 -44.42 31.36 -2.93
N ASP F 928 -44.57 30.52 -1.90
CA ASP F 928 -43.72 30.66 -0.72
C ASP F 928 -42.26 30.37 -1.04
N ALA F 929 -42.00 29.36 -1.88
CA ALA F 929 -40.63 29.02 -2.23
C ALA F 929 -39.95 30.17 -2.97
N GLN F 930 -40.64 30.78 -3.94
CA GLN F 930 -40.07 31.92 -4.64
C GLN F 930 -39.97 33.14 -3.73
N LEU F 931 -40.83 33.26 -2.72
CA LEU F 931 -40.66 34.32 -1.74
C LEU F 931 -39.35 34.13 -0.97
N VAL F 932 -39.07 32.90 -0.56
CA VAL F 932 -37.79 32.61 0.09
C VAL F 932 -36.63 32.88 -0.86
N MET F 933 -36.78 32.49 -2.12
CA MET F 933 -35.79 32.78 -3.14
C MET F 933 -35.48 34.27 -3.22
N ASN F 934 -36.52 35.10 -3.34
CA ASN F 934 -36.33 36.54 -3.47
C ASN F 934 -35.80 37.16 -2.19
N ALA F 935 -36.06 36.52 -1.04
CA ALA F 935 -35.54 37.04 0.22
C ALA F 935 -34.01 37.02 0.24
N ILE F 936 -33.41 35.96 -0.31
CA ILE F 936 -31.96 35.83 -0.33
C ILE F 936 -31.33 36.88 -1.24
N TYR F 973 -19.82 33.10 6.31
CA TYR F 973 -19.43 32.68 7.64
C TYR F 973 -20.28 31.51 8.10
N TYR F 974 -19.69 30.61 8.91
CA TYR F 974 -20.38 29.43 9.42
C TYR F 974 -20.91 28.58 8.26
N THR F 975 -19.95 27.99 7.55
CA THR F 975 -20.13 27.33 6.26
C THR F 975 -21.46 26.62 6.07
N TYR F 976 -21.92 25.90 7.10
CA TYR F 976 -23.08 25.03 6.93
C TYR F 976 -24.27 25.78 6.35
N LYS F 977 -24.52 27.00 6.85
CA LYS F 977 -25.61 27.82 6.32
C LYS F 977 -25.54 27.91 4.80
N SER F 978 -24.34 28.09 4.25
CA SER F 978 -24.19 28.13 2.80
C SER F 978 -24.54 26.78 2.17
N GLU F 979 -24.25 25.68 2.86
CA GLU F 979 -24.59 24.37 2.31
C GLU F 979 -26.10 24.15 2.26
N LEU F 980 -26.81 24.51 3.33
CA LEU F 980 -28.27 24.49 3.27
C LEU F 980 -28.81 25.43 2.20
N VAL F 981 -28.20 26.60 2.03
CA VAL F 981 -28.64 27.51 0.97
C VAL F 981 -28.47 26.89 -0.41
N SER F 982 -27.33 26.23 -0.63
CA SER F 982 -27.09 25.58 -1.91
C SER F 982 -28.09 24.46 -2.16
N GLU F 983 -28.41 23.68 -1.11
CA GLU F 983 -29.39 22.62 -1.27
C GLU F 983 -30.76 23.21 -1.60
N PHE F 984 -31.13 24.32 -0.95
CA PHE F 984 -32.40 24.99 -1.25
C PHE F 984 -32.43 25.49 -2.68
N GLY F 985 -31.35 26.12 -3.14
CA GLY F 985 -31.30 26.60 -4.51
C GLY F 985 -31.34 25.47 -5.52
N ASP F 986 -30.71 24.34 -5.18
CA ASP F 986 -30.80 23.17 -6.03
C ASP F 986 -32.24 22.66 -6.12
N ALA F 987 -32.95 22.68 -5.00
CA ALA F 987 -34.37 22.30 -5.04
C ALA F 987 -35.17 23.24 -5.91
N ILE F 988 -34.92 24.54 -5.79
CA ILE F 988 -35.69 25.53 -6.56
C ILE F 988 -35.39 25.39 -8.05
N GLY F 989 -34.12 25.32 -8.42
CA GLY F 989 -33.71 25.30 -9.80
C GLY F 989 -33.05 26.58 -10.29
N ASN F 990 -32.74 27.52 -9.40
CA ASN F 990 -32.04 28.74 -9.77
C ASN F 990 -30.56 28.43 -9.88
N ASN F 991 -30.03 28.51 -11.10
CA ASN F 991 -28.60 28.24 -11.31
C ASN F 991 -27.74 29.26 -10.55
N THR F 992 -28.13 30.53 -10.59
CA THR F 992 -27.30 31.57 -10.00
C THR F 992 -27.13 31.37 -8.49
N LEU F 993 -28.25 31.23 -7.78
CA LEU F 993 -28.18 31.14 -6.33
C LEU F 993 -27.50 29.85 -5.88
N ALA F 994 -27.87 28.72 -6.49
CA ALA F 994 -27.27 27.45 -6.11
C ALA F 994 -25.78 27.44 -6.40
N SER F 995 -25.38 27.93 -7.57
CA SER F 995 -23.97 27.97 -7.92
C SER F 995 -23.19 28.90 -7.00
N LEU F 996 -23.77 30.06 -6.67
CA LEU F 996 -23.09 30.99 -5.77
C LEU F 996 -22.91 30.37 -4.40
N ALA F 997 -23.95 29.70 -3.89
CA ALA F 997 -23.83 29.09 -2.57
C ALA F 997 -22.83 27.93 -2.57
N ILE F 998 -22.84 27.10 -3.61
CA ILE F 998 -21.89 26.01 -3.65
C ILE F 998 -20.46 26.53 -3.84
N SER F 999 -20.30 27.65 -4.54
CA SER F 999 -18.97 28.24 -4.66
C SER F 999 -18.50 28.80 -3.32
N ARG F 1000 -19.39 29.48 -2.59
CA ARG F 1000 -19.07 29.90 -1.23
C ARG F 1000 -18.71 28.72 -0.36
N VAL F 1001 -19.35 27.58 -0.59
CA VAL F 1001 -18.99 26.35 0.11
C VAL F 1001 -17.56 25.94 -0.23
N TRP F 1002 -17.22 25.99 -1.52
CA TRP F 1002 -15.92 25.51 -1.98
C TRP F 1002 -14.77 26.46 -1.67
N GLN F 1003 -15.06 27.73 -1.37
CA GLN F 1003 -13.97 28.68 -1.13
C GLN F 1003 -13.05 28.23 0.00
N ARG F 1004 -13.59 27.49 0.97
CA ARG F 1004 -12.80 27.14 2.15
C ARG F 1004 -12.79 25.64 2.40
N THR F 1005 -12.49 24.87 1.38
CA THR F 1005 -12.28 23.42 1.51
C THR F 1005 -10.86 23.07 1.10
N SER F 1006 -10.34 22.01 1.71
CA SER F 1006 -9.02 21.50 1.39
C SER F 1006 -9.18 20.17 0.66
N TYR F 1007 -8.67 20.10 -0.57
CA TYR F 1007 -8.83 18.91 -1.39
C TYR F 1007 -7.50 18.51 -1.99
N THR F 1008 -7.17 17.23 -1.88
CA THR F 1008 -6.11 16.60 -2.66
C THR F 1008 -6.75 15.53 -3.53
N TYR F 1009 -6.08 15.19 -4.62
CA TYR F 1009 -6.68 14.27 -5.60
C TYR F 1009 -7.02 12.91 -5.01
N PRO F 1010 -6.09 12.16 -4.40
CA PRO F 1010 -6.41 10.76 -4.07
C PRO F 1010 -7.41 10.58 -2.95
N THR F 1011 -7.16 11.16 -1.77
CA THR F 1011 -7.89 10.79 -0.57
C THR F 1011 -8.72 11.91 0.03
N SER F 1012 -8.10 13.06 0.37
CA SER F 1012 -8.70 13.99 1.32
C SER F 1012 -9.65 14.96 0.64
N TYR F 1013 -10.77 15.23 1.31
CA TYR F 1013 -11.73 16.27 0.92
C TYR F 1013 -12.36 16.79 2.22
N ILE F 1014 -11.79 17.87 2.75
CA ILE F 1014 -12.14 18.39 4.06
C ILE F 1014 -12.89 19.71 3.90
N TYR F 1015 -14.04 19.83 4.54
CA TYR F 1015 -14.81 21.07 4.58
C TYR F 1015 -14.49 21.78 5.88
N TYR F 1016 -13.79 22.91 5.78
CA TYR F 1016 -13.56 23.74 6.96
C TYR F 1016 -14.87 24.39 7.41
N VAL F 1017 -14.90 24.79 8.67
CA VAL F 1017 -16.10 25.44 9.22
C VAL F 1017 -16.06 26.95 9.10
N ALA F 1018 -14.87 27.55 8.99
CA ALA F 1018 -14.75 28.99 8.80
C ALA F 1018 -13.33 29.29 8.36
N ARG F 1019 -13.18 29.96 7.20
CA ARG F 1019 -11.86 30.30 6.73
C ARG F 1019 -11.25 31.44 7.54
N TYR F 1020 -12.04 32.47 7.83
CA TYR F 1020 -11.54 33.61 8.60
C TYR F 1020 -11.28 33.24 10.05
N GLY F 1021 -12.11 32.35 10.60
CA GLY F 1021 -11.97 31.98 11.99
C GLY F 1021 -10.68 31.22 12.25
N SER F 1022 -10.17 31.36 13.47
CA SER F 1022 -8.96 30.65 13.86
C SER F 1022 -9.17 29.14 13.84
N GLY F 1023 -10.32 28.67 14.32
CA GLY F 1023 -10.59 27.26 14.35
C GLY F 1023 -11.24 26.74 13.08
N LEU F 1024 -10.46 26.63 12.00
CA LEU F 1024 -10.98 26.06 10.76
C LEU F 1024 -11.41 24.63 10.97
N GLN F 1025 -10.45 23.74 11.25
CA GLN F 1025 -10.69 22.35 11.61
C GLN F 1025 -11.63 21.66 10.62
N MET F 1026 -12.30 20.60 11.08
CA MET F 1026 -13.34 19.93 10.32
C MET F 1026 -14.51 19.69 11.29
N ASN F 1027 -15.45 20.63 11.30
CA ASN F 1027 -16.62 20.48 12.15
C ASN F 1027 -17.52 19.43 11.53
N SER F 1028 -17.83 18.38 12.30
CA SER F 1028 -18.64 17.28 11.78
C SER F 1028 -20.07 17.71 11.46
N GLU F 1029 -20.54 18.82 12.01
CA GLU F 1029 -21.88 19.29 11.66
C GLU F 1029 -21.96 19.69 10.19
N THR F 1030 -20.85 20.14 9.62
CA THR F 1030 -20.84 20.68 8.26
C THR F 1030 -20.29 19.72 7.22
N GLN F 1031 -19.34 18.84 7.57
CA GLN F 1031 -18.71 18.01 6.55
C GLN F 1031 -19.71 17.10 5.83
N PRO F 1032 -20.56 16.33 6.52
CA PRO F 1032 -21.63 15.63 5.79
C PRO F 1032 -22.57 16.57 5.06
N TRP F 1033 -22.87 17.74 5.63
CA TRP F 1033 -23.69 18.71 4.90
C TRP F 1033 -23.01 19.14 3.61
N GLY F 1034 -21.70 19.40 3.66
CA GLY F 1034 -20.98 19.74 2.44
C GLY F 1034 -21.00 18.61 1.43
N ASP F 1035 -20.87 17.37 1.90
CA ASP F 1035 -20.95 16.24 0.98
C ASP F 1035 -22.30 16.16 0.31
N VAL F 1036 -23.37 16.35 1.09
CA VAL F 1036 -24.72 16.31 0.51
C VAL F 1036 -24.90 17.44 -0.50
N ALA F 1037 -24.42 18.63 -0.17
CA ALA F 1037 -24.55 19.76 -1.09
C ALA F 1037 -23.81 19.50 -2.39
N THR F 1038 -22.58 19.00 -2.30
CA THR F 1038 -21.79 18.73 -3.49
C THR F 1038 -22.44 17.66 -4.35
N GLN F 1039 -22.89 16.57 -3.72
CA GLN F 1039 -23.47 15.48 -4.50
C GLN F 1039 -24.82 15.88 -5.09
N PHE F 1040 -25.61 16.69 -4.39
CA PHE F 1040 -26.87 17.19 -4.95
C PHE F 1040 -26.61 18.08 -6.15
N TYR F 1041 -25.65 19.00 -6.02
CA TYR F 1041 -25.33 19.89 -7.13
C TYR F 1041 -24.85 19.12 -8.34
N VAL F 1042 -23.99 18.12 -8.12
CA VAL F 1042 -23.47 17.31 -9.23
C VAL F 1042 -24.61 16.51 -9.87
N ASN F 1043 -25.43 15.86 -9.05
CA ASN F 1043 -26.47 14.99 -9.59
C ASN F 1043 -27.55 15.78 -10.33
N THR F 1044 -27.80 17.02 -9.93
CA THR F 1044 -28.87 17.78 -10.56
C THR F 1044 -28.37 18.61 -11.75
N TRP F 1045 -27.37 19.48 -11.52
CA TRP F 1045 -27.03 20.47 -12.52
C TRP F 1045 -25.92 20.01 -13.47
N SER F 1046 -24.99 19.20 -13.01
CA SER F 1046 -23.93 18.72 -13.87
C SER F 1046 -24.47 17.70 -14.88
N PRO F 1047 -23.84 17.59 -16.06
CA PRO F 1047 -24.30 16.59 -17.03
C PRO F 1047 -23.94 15.17 -16.62
N SER F 1048 -24.18 14.21 -17.51
CA SER F 1048 -24.05 12.79 -17.15
C SER F 1048 -22.61 12.43 -16.80
N ASN F 1049 -21.65 12.82 -17.64
CA ASN F 1049 -20.26 12.41 -17.46
C ASN F 1049 -19.43 13.49 -16.77
N LEU F 1050 -19.38 14.69 -17.35
CA LEU F 1050 -18.55 15.77 -16.81
C LEU F 1050 -19.18 16.29 -15.54
N ASP F 1051 -18.63 15.90 -14.39
CA ASP F 1051 -19.18 16.27 -13.08
C ASP F 1051 -18.17 17.17 -12.36
N LEU F 1052 -18.55 18.43 -12.16
CA LEU F 1052 -17.72 19.37 -11.42
C LEU F 1052 -18.07 19.29 -9.94
N PHE F 1053 -17.09 18.92 -9.12
CA PHE F 1053 -17.32 18.79 -7.69
C PHE F 1053 -16.41 19.64 -6.81
N TRP F 1054 -15.25 20.07 -7.30
CA TRP F 1054 -14.39 20.93 -6.51
C TRP F 1054 -13.87 22.08 -7.36
N ALA F 1055 -13.74 23.24 -6.71
CA ALA F 1055 -13.22 24.44 -7.37
C ALA F 1055 -12.51 25.27 -6.31
N SER F 1056 -11.21 25.48 -6.49
CA SER F 1056 -10.46 26.41 -5.66
C SER F 1056 -10.57 27.80 -6.28
N LEU F 1057 -11.36 28.67 -5.65
CA LEU F 1057 -11.54 30.05 -6.09
C LEU F 1057 -10.94 30.97 -5.05
N PRO F 1058 -9.77 31.53 -5.29
CA PRO F 1058 -9.18 32.47 -4.33
C PRO F 1058 -10.02 33.73 -4.21
N ASN F 1059 -9.93 34.35 -3.04
CA ASN F 1059 -10.67 35.58 -2.70
C ASN F 1059 -12.17 35.26 -2.78
N ASN F 1060 -12.99 36.14 -3.35
CA ASN F 1060 -14.43 35.99 -3.36
C ASN F 1060 -14.97 35.59 -4.73
N ASN F 1061 -14.17 34.89 -5.53
CA ASN F 1061 -14.65 34.42 -6.82
C ASN F 1061 -15.76 33.40 -6.63
N TYR F 1062 -16.79 33.51 -7.46
CA TYR F 1062 -17.94 32.61 -7.35
C TYR F 1062 -18.44 32.21 -8.72
N ILE F 1063 -18.76 30.92 -8.86
CA ILE F 1063 -19.38 30.40 -10.08
C ILE F 1063 -20.85 30.81 -10.10
N THR F 1064 -21.31 31.26 -11.27
CA THR F 1064 -22.68 31.73 -11.41
C THR F 1064 -23.59 30.74 -12.15
N ASN F 1065 -23.14 30.24 -13.30
CA ASN F 1065 -23.98 29.36 -14.09
C ASN F 1065 -23.18 28.17 -14.59
N GLN F 1066 -23.84 27.03 -14.70
CA GLN F 1066 -23.25 25.81 -15.27
C GLN F 1066 -24.33 25.12 -16.09
N THR F 1067 -24.28 25.30 -17.41
CA THR F 1067 -25.32 24.83 -18.31
C THR F 1067 -24.73 23.87 -19.34
N TRP F 1068 -25.40 22.74 -19.55
CA TRP F 1068 -24.98 21.76 -20.55
C TRP F 1068 -25.69 22.08 -21.86
N ASN F 1069 -25.13 23.01 -22.60
CA ASN F 1069 -25.73 23.45 -23.86
C ASN F 1069 -25.35 22.46 -24.95
N GLY F 1070 -26.33 21.72 -25.45
CA GLY F 1070 -26.08 20.72 -26.45
C GLY F 1070 -25.09 19.67 -26.02
N THR F 1071 -23.90 19.70 -26.60
CA THR F 1071 -22.82 18.76 -26.26
C THR F 1071 -21.62 19.46 -25.62
N ALA F 1072 -21.81 20.68 -25.13
CA ALA F 1072 -20.72 21.45 -24.52
C ALA F 1072 -21.18 22.06 -23.21
N LEU F 1073 -20.29 22.03 -22.22
CA LEU F 1073 -20.58 22.60 -20.91
C LEU F 1073 -20.12 24.05 -20.86
N PHE F 1074 -20.97 24.92 -20.34
CA PHE F 1074 -20.69 26.34 -20.19
C PHE F 1074 -20.66 26.67 -18.71
N ILE F 1075 -19.59 27.32 -18.27
CA ILE F 1075 -19.48 27.81 -16.90
C ILE F 1075 -19.33 29.32 -16.97
N HIS F 1076 -20.32 30.05 -16.47
CA HIS F 1076 -20.26 31.50 -16.36
C HIS F 1076 -19.87 31.84 -14.94
N LEU F 1077 -18.75 32.55 -14.79
CA LEU F 1077 -18.13 32.74 -13.48
C LEU F 1077 -17.75 34.20 -13.30
N TYR F 1078 -17.87 34.68 -12.06
CA TYR F 1078 -17.50 36.04 -11.69
C TYR F 1078 -16.35 35.99 -10.70
N ALA F 1079 -15.41 36.92 -10.85
CA ALA F 1079 -14.20 36.91 -10.04
C ALA F 1079 -13.80 38.34 -9.71
N TYR F 1080 -12.78 38.46 -8.87
CA TYR F 1080 -12.21 39.75 -8.48
C TYR F 1080 -10.69 39.68 -8.57
N GLN F 1081 -10.08 40.80 -8.94
CA GLN F 1081 -8.62 41.00 -8.97
C GLN F 1081 -7.92 39.81 -9.65
N GLN F 1082 -8.28 39.62 -10.91
CA GLN F 1082 -7.77 38.55 -11.77
C GLN F 1082 -7.59 37.23 -11.02
N SER F 1083 -6.33 36.84 -10.79
CA SER F 1083 -5.97 35.60 -10.09
C SER F 1083 -6.40 34.37 -10.88
N GLN F 1084 -6.03 33.19 -10.39
CA GLN F 1084 -6.31 31.93 -11.07
C GLN F 1084 -7.18 31.05 -10.19
N VAL F 1085 -8.25 30.51 -10.77
CA VAL F 1085 -9.06 29.51 -10.11
C VAL F 1085 -8.67 28.15 -10.66
N GLN F 1086 -9.02 27.10 -9.93
CA GLN F 1086 -8.67 25.74 -10.32
C GLN F 1086 -9.91 24.86 -10.20
N LEU F 1087 -10.37 24.32 -11.32
CA LEU F 1087 -11.57 23.51 -11.36
C LEU F 1087 -11.20 22.04 -11.55
N ILE F 1088 -11.89 21.16 -10.83
CA ILE F 1088 -11.67 19.72 -10.95
C ILE F 1088 -12.99 19.06 -11.33
N PHE F 1089 -12.97 18.29 -12.42
CA PHE F 1089 -14.15 17.61 -12.93
C PHE F 1089 -13.95 16.10 -12.85
N LEU F 1090 -14.94 15.40 -12.31
CA LEU F 1090 -14.98 13.95 -12.40
C LEU F 1090 -15.47 13.55 -13.80
N THR F 1091 -14.71 12.70 -14.47
CA THR F 1091 -15.04 12.34 -15.85
C THR F 1091 -14.39 11.01 -16.19
N THR F 1092 -14.75 10.48 -17.35
CA THR F 1092 -14.17 9.25 -17.88
C THR F 1092 -13.35 9.49 -19.12
N THR F 1093 -13.77 10.39 -20.00
CA THR F 1093 -13.05 10.68 -21.23
C THR F 1093 -11.69 11.27 -20.93
N VAL F 1094 -10.74 11.02 -21.82
CA VAL F 1094 -9.36 11.48 -21.66
C VAL F 1094 -9.12 12.79 -22.39
N ASN F 1095 -9.58 12.90 -23.63
CA ASN F 1095 -9.30 14.03 -24.49
C ASN F 1095 -10.57 14.87 -24.68
N PHE F 1096 -10.48 16.14 -24.33
CA PHE F 1096 -11.54 17.12 -24.58
C PHE F 1096 -10.95 18.50 -24.39
N ASN F 1097 -11.54 19.50 -25.06
CA ASN F 1097 -10.90 20.81 -25.14
C ASN F 1097 -11.65 21.83 -24.31
N VAL F 1098 -10.90 22.60 -23.52
CA VAL F 1098 -11.45 23.68 -22.71
C VAL F 1098 -11.14 25.01 -23.39
N LEU F 1099 -11.96 26.00 -23.09
CA LEU F 1099 -11.87 27.33 -23.70
C LEU F 1099 -12.16 28.36 -22.63
N VAL F 1100 -11.13 29.04 -22.15
CA VAL F 1100 -11.30 30.17 -21.24
C VAL F 1100 -11.35 31.44 -22.08
N ASN F 1101 -12.47 32.16 -21.98
CA ASN F 1101 -12.77 33.24 -22.91
C ASN F 1101 -12.68 32.73 -24.34
N GLY F 1102 -11.61 33.09 -25.05
CA GLY F 1102 -11.39 32.56 -26.38
C GLY F 1102 -9.93 32.26 -26.68
N ASN F 1103 -9.15 31.91 -25.65
CA ASN F 1103 -7.70 31.79 -25.79
C ASN F 1103 -7.20 30.35 -25.89
N TYR F 1104 -8.10 29.36 -25.79
CA TYR F 1104 -7.74 27.95 -25.95
C TYR F 1104 -6.62 27.54 -24.98
N THR F 1105 -6.92 27.62 -23.69
CA THR F 1105 -5.93 27.24 -22.69
C THR F 1105 -5.85 25.72 -22.57
N ASN F 1106 -4.72 25.25 -22.01
CA ASN F 1106 -4.49 23.84 -21.83
C ASN F 1106 -5.09 23.36 -20.52
N TYR F 1107 -4.97 22.06 -20.25
CA TYR F 1107 -5.62 21.47 -19.08
C TYR F 1107 -4.91 20.16 -18.72
N GLU F 1108 -5.18 19.69 -17.51
CA GLU F 1108 -4.67 18.42 -17.01
C GLU F 1108 -5.83 17.45 -16.83
N ALA F 1109 -5.62 16.20 -17.22
CA ALA F 1109 -6.70 15.21 -17.15
C ALA F 1109 -6.10 13.82 -16.94
N ASN F 1110 -6.41 13.22 -15.79
CA ASN F 1110 -6.15 11.81 -15.59
C ASN F 1110 -7.25 10.99 -16.27
N HIS F 1111 -7.24 9.68 -16.09
CA HIS F 1111 -8.29 8.86 -16.66
C HIS F 1111 -9.59 8.94 -15.89
N GLN F 1112 -9.59 9.58 -14.72
CA GLN F 1112 -10.81 9.77 -13.94
C GLN F 1112 -11.07 11.20 -13.50
N ILE F 1113 -10.03 12.03 -13.35
CA ILE F 1113 -10.16 13.42 -12.94
C ILE F 1113 -9.49 14.31 -13.98
N MET F 1114 -10.20 15.36 -14.40
CA MET F 1114 -9.58 16.43 -15.17
C MET F 1114 -9.48 17.67 -14.28
N GLN F 1115 -8.50 18.52 -14.57
CA GLN F 1115 -8.25 19.69 -13.74
C GLN F 1115 -7.74 20.82 -14.63
N ILE F 1116 -8.38 21.98 -14.52
CA ILE F 1116 -7.96 23.18 -15.23
C ILE F 1116 -7.52 24.23 -14.22
N ALA F 1117 -6.44 24.95 -14.55
CA ALA F 1117 -5.92 26.02 -13.72
C ALA F 1117 -5.65 27.24 -14.58
N PRO F 1118 -6.71 27.91 -15.05
CA PRO F 1118 -6.53 29.08 -15.91
C PRO F 1118 -6.51 30.38 -15.11
N THR F 1119 -6.10 31.45 -15.80
CA THR F 1119 -6.11 32.80 -15.23
C THR F 1119 -7.32 33.54 -15.78
N LEU F 1120 -8.13 34.10 -14.88
CA LEU F 1120 -9.41 34.68 -15.24
C LEU F 1120 -9.38 36.20 -15.10
N GLU F 1121 -10.10 36.87 -16.01
CA GLU F 1121 -10.20 38.31 -16.02
C GLU F 1121 -11.12 38.80 -14.90
N PRO F 1122 -10.96 40.06 -14.48
CA PRO F 1122 -11.81 40.57 -13.39
C PRO F 1122 -13.30 40.52 -13.70
N GLY F 1123 -13.69 40.75 -14.94
CA GLY F 1123 -15.09 40.72 -15.31
C GLY F 1123 -15.61 39.30 -15.42
N PRO F 1124 -16.91 39.19 -15.67
CA PRO F 1124 -17.50 37.85 -15.88
C PRO F 1124 -16.84 37.15 -17.06
N ASN F 1125 -16.62 35.85 -16.90
CA ASN F 1125 -15.92 35.08 -17.92
C ASN F 1125 -16.60 33.72 -18.10
N THR F 1126 -16.48 33.19 -19.32
CA THR F 1126 -17.12 31.95 -19.70
C THR F 1126 -16.07 30.89 -20.03
N ILE F 1127 -16.23 29.71 -19.46
CA ILE F 1127 -15.38 28.56 -19.73
C ILE F 1127 -16.23 27.53 -20.46
N ILE F 1128 -15.82 27.19 -21.67
CA ILE F 1128 -16.55 26.26 -22.52
C ILE F 1128 -15.73 24.98 -22.61
N ILE F 1129 -16.27 23.88 -22.10
CA ILE F 1129 -15.61 22.58 -22.14
C ILE F 1129 -16.37 21.70 -23.13
N ILE F 1130 -15.71 21.30 -24.21
CA ILE F 1130 -16.31 20.45 -25.22
C ILE F 1130 -15.69 19.06 -25.09
N PRO F 1131 -16.47 18.05 -24.72
CA PRO F 1131 -15.96 16.68 -24.63
C PRO F 1131 -16.02 15.94 -25.97
N ASN F 1132 -15.01 15.11 -26.19
CA ASN F 1132 -14.86 14.35 -27.42
C ASN F 1132 -15.01 15.22 -28.66
N PRO F 1133 -14.19 16.25 -28.81
CA PRO F 1133 -14.39 17.22 -29.88
C PRO F 1133 -13.62 16.86 -31.15
N LYS F 1134 -14.12 17.38 -32.26
CA LYS F 1134 -13.38 17.33 -33.51
C LYS F 1134 -12.28 18.37 -33.50
N ASN F 1135 -11.19 18.08 -34.20
CA ASN F 1135 -10.01 18.93 -34.31
C ASN F 1135 -9.62 19.52 -32.95
N GLN F 1136 -9.32 18.63 -32.01
CA GLN F 1136 -8.97 19.04 -30.66
C GLN F 1136 -7.74 19.94 -30.67
N VAL F 1137 -7.79 21.02 -29.90
CA VAL F 1137 -6.71 21.98 -29.82
C VAL F 1137 -5.95 21.87 -28.50
N SER F 1138 -6.67 21.79 -27.38
CA SER F 1138 -6.03 21.74 -26.07
C SER F 1138 -5.26 20.43 -25.90
N GLN F 1139 -4.09 20.53 -25.27
CA GLN F 1139 -3.24 19.37 -25.03
C GLN F 1139 -3.44 18.85 -23.61
N ASN F 1140 -2.85 17.67 -23.35
CA ASN F 1140 -3.03 16.96 -22.10
C ASN F 1140 -1.83 17.10 -21.17
N THR F 1141 -0.95 18.06 -21.42
CA THR F 1141 0.26 18.18 -20.62
C THR F 1141 -0.08 18.60 -19.19
N ASN F 1142 0.87 18.37 -18.29
CA ASN F 1142 0.69 18.71 -16.88
C ASN F 1142 1.19 20.12 -16.59
N THR F 1162 29.34 9.27 5.68
CA THR F 1162 28.33 9.70 4.74
C THR F 1162 27.88 8.54 3.84
N LEU F 1163 28.82 8.06 3.02
CA LEU F 1163 28.63 6.90 2.15
C LEU F 1163 27.63 7.17 1.03
N THR F 1164 27.80 6.51 -0.11
CA THR F 1164 26.87 6.64 -1.22
C THR F 1164 26.38 5.27 -1.67
N GLN F 1165 25.68 5.21 -2.80
CA GLN F 1165 25.06 3.97 -3.24
C GLN F 1165 26.10 2.90 -3.53
N ASN F 1166 27.17 3.25 -4.24
CA ASN F 1166 28.22 2.28 -4.52
C ASN F 1166 28.92 1.84 -3.23
N GLU F 1167 29.18 2.78 -2.33
CA GLU F 1167 29.78 2.44 -1.05
C GLU F 1167 28.85 1.53 -0.25
N LEU F 1168 27.55 1.82 -0.26
CA LEU F 1168 26.61 0.97 0.45
C LEU F 1168 26.55 -0.43 -0.16
N MET F 1169 26.66 -0.52 -1.49
CA MET F 1169 26.69 -1.83 -2.13
C MET F 1169 27.93 -2.63 -1.73
N LEU F 1170 29.08 -1.96 -1.67
CA LEU F 1170 30.29 -2.64 -1.22
C LEU F 1170 30.15 -3.12 0.22
N LEU F 1171 29.59 -2.27 1.09
CA LEU F 1171 29.36 -2.67 2.47
C LEU F 1171 28.40 -3.84 2.56
N GLY F 1172 27.37 -3.86 1.69
CA GLY F 1172 26.44 -4.97 1.69
C GLY F 1172 27.08 -6.27 1.26
N PHE F 1173 27.92 -6.23 0.22
CA PHE F 1173 28.65 -7.43 -0.18
C PHE F 1173 29.52 -7.93 0.96
N VAL F 1174 30.24 -7.02 1.62
CA VAL F 1174 31.11 -7.41 2.72
C VAL F 1174 30.30 -8.03 3.84
N ILE F 1175 29.16 -7.42 4.18
CA ILE F 1175 28.33 -7.94 5.27
C ILE F 1175 27.80 -9.33 4.92
N TYR F 1176 27.37 -9.51 3.67
CA TYR F 1176 26.85 -10.81 3.25
C TYR F 1176 27.91 -11.90 3.39
N PHE F 1177 29.13 -11.63 2.88
CA PHE F 1177 30.18 -12.63 3.01
C PHE F 1177 30.55 -12.87 4.47
N VAL F 1178 30.56 -11.79 5.27
CA VAL F 1178 30.86 -11.90 6.70
C VAL F 1178 29.88 -12.84 7.40
N ILE F 1179 28.58 -12.63 7.20
CA ILE F 1179 27.61 -13.43 7.93
C ILE F 1179 27.62 -14.86 7.44
N ILE F 1180 27.81 -15.07 6.12
CA ILE F 1180 27.88 -16.44 5.61
C ILE F 1180 29.06 -17.18 6.23
N MET F 1181 30.23 -16.54 6.25
CA MET F 1181 31.42 -17.19 6.80
C MET F 1181 31.27 -17.43 8.30
N VAL F 1182 30.68 -16.47 9.02
CA VAL F 1182 30.49 -16.65 10.45
C VAL F 1182 29.57 -17.82 10.73
N THR F 1183 28.48 -17.93 9.97
CA THR F 1183 27.57 -19.06 10.14
C THR F 1183 28.27 -20.37 9.85
N TYR F 1184 29.05 -20.44 8.77
CA TYR F 1184 29.75 -21.69 8.47
C TYR F 1184 30.74 -22.05 9.55
N GLY F 1185 31.39 -21.04 10.14
CA GLY F 1185 32.31 -21.30 11.23
C GLY F 1185 31.61 -21.83 12.47
N VAL F 1186 30.47 -21.22 12.83
CA VAL F 1186 29.76 -21.64 14.03
C VAL F 1186 29.19 -23.04 13.86
N SER F 1187 28.51 -23.29 12.74
CA SER F 1187 27.92 -24.58 12.46
C SER F 1187 28.47 -25.12 11.15
N ARG F 1188 29.03 -26.33 11.20
CA ARG F 1188 29.65 -26.93 10.03
C ARG F 1188 28.65 -27.39 8.98
N ASN F 1189 27.36 -27.42 9.31
CA ASN F 1189 26.36 -27.90 8.37
C ASN F 1189 26.21 -26.89 7.23
N LYS F 1190 25.93 -27.40 6.04
CA LYS F 1190 25.74 -26.55 4.87
C LYS F 1190 24.33 -26.01 4.72
N THR F 1191 23.32 -26.78 5.16
CA THR F 1191 21.95 -26.30 5.11
C THR F 1191 21.77 -25.06 5.96
N ILE F 1192 22.37 -25.05 7.16
CA ILE F 1192 22.35 -23.85 7.99
C ILE F 1192 23.05 -22.71 7.28
N THR F 1193 24.10 -23.02 6.53
CA THR F 1193 24.83 -21.97 5.80
C THR F 1193 23.97 -21.32 4.72
N VAL F 1194 23.25 -22.13 3.93
CA VAL F 1194 22.42 -21.53 2.89
C VAL F 1194 21.21 -20.82 3.49
N LEU F 1195 20.68 -21.33 4.60
CA LEU F 1195 19.63 -20.61 5.31
C LEU F 1195 20.13 -19.26 5.80
N SER F 1196 21.37 -19.22 6.30
CA SER F 1196 21.98 -17.96 6.70
C SER F 1196 22.20 -17.05 5.51
N SER F 1197 22.49 -17.61 4.34
CA SER F 1197 22.56 -16.78 3.14
C SER F 1197 21.22 -16.13 2.84
N ILE F 1198 20.14 -16.90 2.99
CA ILE F 1198 18.79 -16.36 2.81
C ILE F 1198 18.54 -15.20 3.77
N VAL F 1199 18.82 -15.45 5.05
CA VAL F 1199 18.57 -14.43 6.06
C VAL F 1199 19.53 -13.25 5.89
N ALA F 1200 20.69 -13.47 5.27
CA ALA F 1200 21.62 -12.39 5.01
C ALA F 1200 21.11 -11.49 3.89
N VAL F 1201 20.51 -12.10 2.87
CA VAL F 1201 19.81 -11.31 1.86
C VAL F 1201 18.72 -10.47 2.53
N ALA F 1202 17.97 -11.09 3.45
CA ALA F 1202 16.94 -10.36 4.17
C ALA F 1202 17.51 -9.19 4.97
N ILE F 1203 18.62 -9.44 5.69
CA ILE F 1203 19.22 -8.41 6.53
C ILE F 1203 19.74 -7.26 5.68
N VAL F 1204 20.49 -7.58 4.63
CA VAL F 1204 21.07 -6.55 3.78
C VAL F 1204 19.98 -5.79 3.02
N TYR F 1205 18.81 -6.39 2.83
CA TYR F 1205 17.67 -5.62 2.32
C TYR F 1205 17.08 -4.73 3.40
N ALA F 1206 17.11 -5.17 4.66
CA ALA F 1206 16.52 -4.38 5.73
C ALA F 1206 17.24 -3.05 5.89
N LEU F 1207 18.56 -3.06 5.79
CA LEU F 1207 19.35 -1.83 5.88
C LEU F 1207 19.37 -1.04 4.58
N ALA F 1208 18.69 -1.52 3.55
CA ALA F 1208 18.63 -0.86 2.24
C ALA F 1208 20.01 -0.67 1.63
N LEU F 1209 20.92 -1.61 1.91
CA LEU F 1209 22.26 -1.54 1.33
C LEU F 1209 22.29 -1.97 -0.12
N TRP F 1210 21.37 -2.85 -0.53
CA TRP F 1210 21.30 -3.34 -1.89
C TRP F 1210 20.03 -2.85 -2.58
N PRO F 1211 20.04 -2.73 -3.90
CA PRO F 1211 18.79 -2.54 -4.63
C PRO F 1211 17.92 -3.78 -4.54
N THR F 1212 16.61 -3.57 -4.68
CA THR F 1212 15.66 -4.66 -4.51
C THR F 1212 15.85 -5.76 -5.56
N TYR F 1213 16.41 -5.40 -6.72
CA TYR F 1213 16.60 -6.38 -7.79
C TYR F 1213 17.57 -7.48 -7.37
N MET F 1214 18.80 -7.10 -7.04
CA MET F 1214 19.80 -8.09 -6.64
C MET F 1214 19.37 -8.81 -5.37
N ALA F 1215 18.76 -8.09 -4.43
CA ALA F 1215 18.32 -8.71 -3.19
C ALA F 1215 17.30 -9.80 -3.47
N PHE F 1216 16.31 -9.53 -4.30
CA PHE F 1216 15.30 -10.52 -4.62
C PHE F 1216 15.89 -11.69 -5.39
N ILE F 1217 16.78 -11.41 -6.34
CA ILE F 1217 17.40 -12.48 -7.12
C ILE F 1217 18.16 -13.43 -6.22
N LEU F 1218 19.01 -12.87 -5.34
CA LEU F 1218 19.79 -13.70 -4.44
C LEU F 1218 18.90 -14.41 -3.42
N GLY F 1219 17.80 -13.78 -2.99
CA GLY F 1219 16.90 -14.44 -2.06
C GLY F 1219 16.24 -15.66 -2.68
N ALA F 1220 15.74 -15.52 -3.91
CA ALA F 1220 15.12 -16.66 -4.59
C ALA F 1220 16.15 -17.77 -4.84
N VAL F 1221 17.36 -17.38 -5.29
CA VAL F 1221 18.40 -18.37 -5.51
C VAL F 1221 18.75 -19.09 -4.23
N GLY F 1222 18.84 -18.36 -3.12
CA GLY F 1222 19.12 -18.98 -1.83
C GLY F 1222 18.02 -19.90 -1.37
N PHE F 1223 16.77 -19.53 -1.62
CA PHE F 1223 15.64 -20.41 -1.27
C PHE F 1223 15.75 -21.73 -2.00
N PHE F 1224 15.89 -21.67 -3.33
CA PHE F 1224 15.95 -22.90 -4.11
C PHE F 1224 17.19 -23.72 -3.78
N MET F 1225 18.33 -23.06 -3.55
CA MET F 1225 19.54 -23.79 -3.20
C MET F 1225 19.46 -24.41 -1.81
N LEU F 1226 18.78 -23.74 -0.87
CA LEU F 1226 18.57 -24.32 0.44
C LEU F 1226 17.74 -25.58 0.34
N PHE F 1227 16.68 -25.55 -0.45
CA PHE F 1227 15.87 -26.76 -0.60
C PHE F 1227 16.64 -27.86 -1.32
N TYR F 1228 17.47 -27.49 -2.30
CA TYR F 1228 18.32 -28.49 -2.96
C TYR F 1228 19.29 -29.11 -1.97
N SER F 1229 19.90 -28.30 -1.10
CA SER F 1229 20.86 -28.82 -0.13
C SER F 1229 20.16 -29.72 0.89
N ILE F 1230 18.95 -29.37 1.30
CA ILE F 1230 18.19 -30.24 2.19
C ILE F 1230 17.87 -31.55 1.50
N SER F 1231 17.56 -31.50 0.20
CA SER F 1231 17.29 -32.73 -0.54
C SER F 1231 18.54 -33.61 -0.65
N ARG F 1232 19.71 -33.00 -0.87
CA ARG F 1232 20.90 -33.75 -1.18
C ARG F 1232 21.57 -34.40 0.03
N ARG F 1233 21.16 -34.05 1.25
CA ARG F 1233 21.81 -34.60 2.44
C ARG F 1233 21.65 -36.13 2.52
#